data_1ZFG
# 
_entry.id   1ZFG 
# 
_audit_conform.dict_name       mmcif_pdbx.dic 
_audit_conform.dict_version    5.389 
_audit_conform.dict_location   http://mmcif.pdb.org/dictionaries/ascii/mmcif_pdbx.dic 
# 
loop_
_database_2.database_id 
_database_2.database_code 
_database_2.pdbx_database_accession 
_database_2.pdbx_DOI 
PDB   1ZFG         pdb_00001zfg 10.2210/pdb1zfg/pdb 
NDB   BD0084       ?            ?                   
RCSB  RCSB032658   ?            ?                   
WWPDB D_1000032658 ?            ?                   
# 
loop_
_pdbx_audit_revision_history.ordinal 
_pdbx_audit_revision_history.data_content_type 
_pdbx_audit_revision_history.major_revision 
_pdbx_audit_revision_history.minor_revision 
_pdbx_audit_revision_history.revision_date 
1 'Structure model' 1 0 2005-05-10 
2 'Structure model' 1 1 2008-04-30 
3 'Structure model' 1 2 2011-07-13 
4 'Structure model' 1 3 2024-02-14 
5 'Structure model' 1 4 2024-04-03 
# 
_pdbx_audit_revision_details.ordinal             1 
_pdbx_audit_revision_details.revision_ordinal    1 
_pdbx_audit_revision_details.data_content_type   'Structure model' 
_pdbx_audit_revision_details.provider            repository 
_pdbx_audit_revision_details.type                'Initial release' 
_pdbx_audit_revision_details.description         ? 
_pdbx_audit_revision_details.details             ? 
# 
loop_
_pdbx_audit_revision_group.ordinal 
_pdbx_audit_revision_group.revision_ordinal 
_pdbx_audit_revision_group.data_content_type 
_pdbx_audit_revision_group.group 
1 2 'Structure model' 'Version format compliance' 
2 3 'Structure model' 'Version format compliance' 
3 4 'Structure model' 'Data collection'           
4 4 'Structure model' 'Database references'       
5 5 'Structure model' 'Refinement description'    
# 
loop_
_pdbx_audit_revision_category.ordinal 
_pdbx_audit_revision_category.revision_ordinal 
_pdbx_audit_revision_category.data_content_type 
_pdbx_audit_revision_category.category 
1 4 'Structure model' chem_comp_atom                
2 4 'Structure model' chem_comp_bond                
3 4 'Structure model' database_2                    
4 5 'Structure model' pdbx_initial_refinement_model 
# 
loop_
_pdbx_audit_revision_item.ordinal 
_pdbx_audit_revision_item.revision_ordinal 
_pdbx_audit_revision_item.data_content_type 
_pdbx_audit_revision_item.item 
1 4 'Structure model' '_database_2.pdbx_DOI'                
2 4 'Structure model' '_database_2.pdbx_database_accession' 
# 
_pdbx_database_status.entry_id                        1ZFG 
_pdbx_database_status.deposit_site                    RCSB 
_pdbx_database_status.process_site                    RCSB 
_pdbx_database_status.recvd_initial_deposition_date   2005-04-20 
_pdbx_database_status.status_code                     REL 
_pdbx_database_status.status_code_sf                  REL 
_pdbx_database_status.status_code_mr                  ? 
_pdbx_database_status.SG_entry                        ? 
_pdbx_database_status.pdb_format_compatible           Y 
_pdbx_database_status.status_code_cs                  ? 
_pdbx_database_status.status_code_nmr_data            ? 
_pdbx_database_status.methods_development_category    ? 
# 
loop_
_pdbx_database_related.db_name 
_pdbx_database_related.db_id 
_pdbx_database_related.details 
_pdbx_database_related.content_type 
PDB 1P4Y . unspecified 
PDB 1P4Z . unspecified 
PDB 1DCW . unspecified 
PDB 1DCV . unspecified 
PDB 1ZEW . unspecified 
PDB 1ZEX . unspecified 
PDB 1ZEY . unspecified 
PDB 1ZEZ . unspecified 
PDB 1ZF0 . unspecified 
PDB 1ZF1 . unspecified 
PDB 1ZF2 . unspecified 
PDB 1ZF3 . unspecified 
PDB 1ZF4 . unspecified 
PDB 1ZF5 . unspecified 
PDB 1ZF6 . unspecified 
PDB 1ZF7 . unspecified 
PDB 1ZF8 . unspecified 
PDB 1ZF9 . unspecified 
PDB 1ZFA . unspecified 
PDB 1ZFB . unspecified 
PDB 1ZFC . unspecified 
PDB 1ZFE . unspecified 
PDB 1ZFF . unspecified 
PDB 1ZFH . unspecified 
PDB 1ZFM . unspecified 
# 
loop_
_audit_author.name 
_audit_author.pdbx_ordinal 
'Hays, F.A.'      1 
'Teegarden, A.T.' 2 
'Jones, Z.J.R.'   3 
'Harms, M.'       4 
'Raup, D.'        5 
'Watson, J.'      6 
'Cavaliere, E.'   7 
'Ho, P.S.'        8 
# 
_citation.id                        primary 
_citation.title                     'How sequence defines structure: a crystallographic map of DNA structure and conformation.' 
_citation.journal_abbrev            Proc.Natl.Acad.Sci.Usa 
_citation.journal_volume            102 
_citation.page_first                7157 
_citation.page_last                 7162 
_citation.year                      2005 
_citation.journal_id_ASTM           PNASA6 
_citation.country                   US 
_citation.journal_id_ISSN           0027-8424 
_citation.journal_id_CSD            0040 
_citation.book_publisher            ? 
_citation.pdbx_database_id_PubMed   15870206 
_citation.pdbx_database_id_DOI      10.1073/pnas.0409455102 
# 
loop_
_citation_author.citation_id 
_citation_author.name 
_citation_author.ordinal 
_citation_author.identifier_ORCID 
primary 'Hays, F.A.'    1 ? 
primary 'Teegarden, A.' 2 ? 
primary 'Jones, Z.J.'   3 ? 
primary 'Harms, M.'     4 ? 
primary 'Raup, D.'      5 ? 
primary 'Watson, J.'    6 ? 
primary 'Cavaliere, E.' 7 ? 
primary 'Ho, P.S.'      8 ? 
# 
loop_
_entity.id 
_entity.type 
_entity.src_method 
_entity.pdbx_description 
_entity.formula_weight 
_entity.pdbx_number_of_molecules 
_entity.pdbx_ec 
_entity.pdbx_mutation 
_entity.pdbx_fragment 
_entity.details 
1 polymer syn "5'-D(*CP*CP*GP*AP*GP*CP*TP*CP*GP*G)-3'" 3045.992 2  ? ? ? ? 
2 water   nat water                                    18.015   59 ? ? ? ? 
# 
_entity_poly.entity_id                      1 
_entity_poly.type                           polydeoxyribonucleotide 
_entity_poly.nstd_linkage                   no 
_entity_poly.nstd_monomer                   no 
_entity_poly.pdbx_seq_one_letter_code       '(DC)(DC)(DG)(DA)(DG)(DC)(DT)(DC)(DG)(DG)' 
_entity_poly.pdbx_seq_one_letter_code_can   CCGAGCTCGG 
_entity_poly.pdbx_strand_id                 A,B 
_entity_poly.pdbx_target_identifier         ? 
# 
_pdbx_entity_nonpoly.entity_id   2 
_pdbx_entity_nonpoly.name        water 
_pdbx_entity_nonpoly.comp_id     HOH 
# 
loop_
_entity_poly_seq.entity_id 
_entity_poly_seq.num 
_entity_poly_seq.mon_id 
_entity_poly_seq.hetero 
1 1  DC n 
1 2  DC n 
1 3  DG n 
1 4  DA n 
1 5  DG n 
1 6  DC n 
1 7  DT n 
1 8  DC n 
1 9  DG n 
1 10 DG n 
# 
_pdbx_entity_src_syn.entity_id              1 
_pdbx_entity_src_syn.pdbx_src_id            1 
_pdbx_entity_src_syn.pdbx_alt_source_flag   sample 
_pdbx_entity_src_syn.pdbx_beg_seq_num       ? 
_pdbx_entity_src_syn.pdbx_end_seq_num       ? 
_pdbx_entity_src_syn.organism_scientific    ? 
_pdbx_entity_src_syn.organism_common_name   ? 
_pdbx_entity_src_syn.ncbi_taxonomy_id       ? 
_pdbx_entity_src_syn.details                
;DNA WAS SYNTHESIZED ON AN APPLIED BIOSYSTEMS DNA SYNTHESIZER USING PHOSPHORAMIDITE CHEMISTRY, WITH THE TRITYL-PROTECTING GROUP LEFT INTACT AT THE 5'-TERMINAL NUCLEOTIDE THEN DEPROTECTED BY TREATMENT WITH 3% ACETIC ACID FOR FIFTEEN MINUTES, NEUTRALIZED WITH AMMONIUM HYDROXIDE, AND DESALTED ON A SIGMA G-25 SEPHADEX COLUMN.
;
# 
loop_
_chem_comp.id 
_chem_comp.type 
_chem_comp.mon_nstd_flag 
_chem_comp.name 
_chem_comp.pdbx_synonyms 
_chem_comp.formula 
_chem_comp.formula_weight 
DA  'DNA linking' y "2'-DEOXYADENOSINE-5'-MONOPHOSPHATE" ? 'C10 H14 N5 O6 P' 331.222 
DC  'DNA linking' y "2'-DEOXYCYTIDINE-5'-MONOPHOSPHATE"  ? 'C9 H14 N3 O7 P'  307.197 
DG  'DNA linking' y "2'-DEOXYGUANOSINE-5'-MONOPHOSPHATE" ? 'C10 H14 N5 O7 P' 347.221 
DT  'DNA linking' y "THYMIDINE-5'-MONOPHOSPHATE"         ? 'C10 H15 N2 O8 P' 322.208 
HOH non-polymer   . WATER                                ? 'H2 O'            18.015  
# 
loop_
_pdbx_poly_seq_scheme.asym_id 
_pdbx_poly_seq_scheme.entity_id 
_pdbx_poly_seq_scheme.seq_id 
_pdbx_poly_seq_scheme.mon_id 
_pdbx_poly_seq_scheme.ndb_seq_num 
_pdbx_poly_seq_scheme.pdb_seq_num 
_pdbx_poly_seq_scheme.auth_seq_num 
_pdbx_poly_seq_scheme.pdb_mon_id 
_pdbx_poly_seq_scheme.auth_mon_id 
_pdbx_poly_seq_scheme.pdb_strand_id 
_pdbx_poly_seq_scheme.pdb_ins_code 
_pdbx_poly_seq_scheme.hetero 
A 1 1  DC 1  1  1  DC C A . n 
A 1 2  DC 2  2  2  DC C A . n 
A 1 3  DG 3  3  3  DG G A . n 
A 1 4  DA 4  4  4  DA A A . n 
A 1 5  DG 5  5  5  DG G A . n 
A 1 6  DC 6  6  6  DC C A . n 
A 1 7  DT 7  7  7  DT T A . n 
A 1 8  DC 8  8  8  DC C A . n 
A 1 9  DG 9  9  9  DG G A . n 
A 1 10 DG 10 10 10 DG G A . n 
B 1 1  DC 1  11 11 DC C B . n 
B 1 2  DC 2  12 12 DC C B . n 
B 1 3  DG 3  13 13 DG G B . n 
B 1 4  DA 4  14 14 DA A B . n 
B 1 5  DG 5  15 15 DG G B . n 
B 1 6  DC 6  16 16 DC C B . n 
B 1 7  DT 7  17 17 DT T B . n 
B 1 8  DC 8  18 18 DC C B . n 
B 1 9  DG 9  19 19 DG G B . n 
B 1 10 DG 10 20 20 DG G B . n 
# 
loop_
_pdbx_nonpoly_scheme.asym_id 
_pdbx_nonpoly_scheme.entity_id 
_pdbx_nonpoly_scheme.mon_id 
_pdbx_nonpoly_scheme.ndb_seq_num 
_pdbx_nonpoly_scheme.pdb_seq_num 
_pdbx_nonpoly_scheme.auth_seq_num 
_pdbx_nonpoly_scheme.pdb_mon_id 
_pdbx_nonpoly_scheme.auth_mon_id 
_pdbx_nonpoly_scheme.pdb_strand_id 
_pdbx_nonpoly_scheme.pdb_ins_code 
C 2 HOH 1  26 26 HOH HOH A . 
C 2 HOH 2  27 27 HOH HOH A . 
C 2 HOH 3  29 29 HOH HOH A . 
C 2 HOH 4  30 30 HOH HOH A . 
C 2 HOH 5  33 33 HOH HOH A . 
C 2 HOH 6  35 35 HOH HOH A . 
C 2 HOH 7  36 36 HOH HOH A . 
C 2 HOH 8  38 38 HOH HOH A . 
C 2 HOH 9  43 43 HOH HOH A . 
C 2 HOH 10 45 45 HOH HOH A . 
C 2 HOH 11 49 49 HOH HOH A . 
C 2 HOH 12 54 54 HOH HOH A . 
C 2 HOH 13 62 62 HOH HOH A . 
C 2 HOH 14 64 64 HOH HOH A . 
C 2 HOH 15 67 67 HOH HOH A . 
C 2 HOH 16 71 71 HOH HOH A . 
C 2 HOH 17 73 73 HOH HOH A . 
C 2 HOH 18 76 76 HOH HOH A . 
C 2 HOH 19 79 79 HOH HOH A . 
D 2 HOH 1  21 21 HOH HOH B . 
D 2 HOH 2  22 22 HOH HOH B . 
D 2 HOH 3  23 23 HOH HOH B . 
D 2 HOH 4  24 24 HOH HOH B . 
D 2 HOH 5  25 25 HOH HOH B . 
D 2 HOH 6  28 28 HOH HOH B . 
D 2 HOH 7  31 31 HOH HOH B . 
D 2 HOH 8  32 32 HOH HOH B . 
D 2 HOH 9  34 34 HOH HOH B . 
D 2 HOH 10 37 37 HOH HOH B . 
D 2 HOH 11 39 39 HOH HOH B . 
D 2 HOH 12 40 40 HOH HOH B . 
D 2 HOH 13 41 41 HOH HOH B . 
D 2 HOH 14 42 42 HOH HOH B . 
D 2 HOH 15 44 44 HOH HOH B . 
D 2 HOH 16 46 46 HOH HOH B . 
D 2 HOH 17 47 47 HOH HOH B . 
D 2 HOH 18 48 48 HOH HOH B . 
D 2 HOH 19 50 50 HOH HOH B . 
D 2 HOH 20 51 51 HOH HOH B . 
D 2 HOH 21 52 52 HOH HOH B . 
D 2 HOH 22 53 53 HOH HOH B . 
D 2 HOH 23 55 55 HOH HOH B . 
D 2 HOH 24 56 56 HOH HOH B . 
D 2 HOH 25 57 57 HOH HOH B . 
D 2 HOH 26 58 58 HOH HOH B . 
D 2 HOH 27 59 59 HOH HOH B . 
D 2 HOH 28 60 60 HOH HOH B . 
D 2 HOH 29 61 61 HOH HOH B . 
D 2 HOH 30 63 63 HOH HOH B . 
D 2 HOH 31 65 65 HOH HOH B . 
D 2 HOH 32 66 66 HOH HOH B . 
D 2 HOH 33 68 68 HOH HOH B . 
D 2 HOH 34 69 69 HOH HOH B . 
D 2 HOH 35 70 70 HOH HOH B . 
D 2 HOH 36 72 72 HOH HOH B . 
D 2 HOH 37 74 74 HOH HOH B . 
D 2 HOH 38 75 75 HOH HOH B . 
D 2 HOH 39 77 77 HOH HOH B . 
D 2 HOH 40 78 78 HOH HOH B . 
# 
loop_
_software.name 
_software.version 
_software.date 
_software.type 
_software.contact_author 
_software.contact_author_email 
_software.classification 
_software.location 
_software.language 
_software.citation_id 
_software.pdbx_ordinal 
CNS       1.1 ? package 'Axel T. Brunger' axel.brunger@yale.edu refinement       http://cns.csb.yale.edu/v1.1/ Fortran_77 ? 1 
DENZO     .   ? ?       ?                 ?                     'data reduction' ?                             ?          ? 2 
SCALEPACK .   ? ?       ?                 ?                     'data scaling'   ?                             ?          ? 3 
EPMR      .   ? ?       ?                 ?                     phasing          ?                             ?          ? 4 
# 
_cell.entry_id           1ZFG 
_cell.length_a           33.814 
_cell.length_b           33.814 
_cell.length_c           47.127 
_cell.angle_alpha        90.00 
_cell.angle_beta         90.00 
_cell.angle_gamma        120.00 
_cell.Z_PDB              6 
_cell.pdbx_unique_axis   ? 
# 
_symmetry.entry_id                         1ZFG 
_symmetry.space_group_name_H-M             'P 31' 
_symmetry.pdbx_full_space_group_name_H-M   ? 
_symmetry.cell_setting                     ? 
_symmetry.Int_Tables_number                144 
_symmetry.space_group_name_Hall            ? 
# 
_exptl.entry_id          1ZFG 
_exptl.method            'X-RAY DIFFRACTION' 
_exptl.crystals_number   1 
# 
_exptl_crystal.id                    1 
_exptl_crystal.density_meas          ? 
_exptl_crystal.density_Matthews      2.55 
_exptl_crystal.density_percent_sol   51.83 
_exptl_crystal.description           ? 
_exptl_crystal.F_000                 ? 
_exptl_crystal.preparation           ? 
# 
_exptl_crystal_grow.crystal_id      1 
_exptl_crystal_grow.method          ? 
_exptl_crystal_grow.temp            298 
_exptl_crystal_grow.temp_details    ? 
_exptl_crystal_grow.pH              7.00 
_exptl_crystal_grow.pdbx_details    
'Na Cacodylate, CaCl2, Spermine, MPD in resevoir, pH 7.0, VAPOR DIFFUSION, SITTING DROP, temperature 298K, pH 7.00' 
_exptl_crystal_grow.pdbx_pH_range   . 
# 
loop_
_exptl_crystal_grow_comp.crystal_id 
_exptl_crystal_grow_comp.id 
_exptl_crystal_grow_comp.sol_id 
_exptl_crystal_grow_comp.name 
_exptl_crystal_grow_comp.conc 
_exptl_crystal_grow_comp.volume 
_exptl_crystal_grow_comp.details 
1 1 1 'Na Cacodylate' ? ? ? 
1 2 1 CaCl2           ? ? ? 
1 3 1 Spermine        ? ? ? 
1 4 1 MPD             ? ? ? 
1 5 1 H2O             ? ? ? 
1 6 2 'Na Cacodylate' ? ? ? 
1 7 2 CaCl2           ? ? ? 
1 8 2 MPD             ? ? ? 
1 9 2 H2O             ? ? ? 
# 
_diffrn.id                     1 
_diffrn.ambient_temp           103.0 
_diffrn.ambient_temp_details   ? 
_diffrn.crystal_id             1 
# 
_diffrn_detector.diffrn_id              1 
_diffrn_detector.detector               CCD 
_diffrn_detector.type                   MARRESEARCH 
_diffrn_detector.pdbx_collection_date   2003-06-13 
_diffrn_detector.details                ? 
# 
_diffrn_radiation.diffrn_id                        1 
_diffrn_radiation.wavelength_id                    1 
_diffrn_radiation.pdbx_monochromatic_or_laue_m_l   M 
_diffrn_radiation.monochromator                    ? 
_diffrn_radiation.pdbx_diffrn_protocol             'SINGLE WAVELENGTH' 
_diffrn_radiation.pdbx_scattering_type             x-ray 
# 
_diffrn_radiation_wavelength.id           1 
_diffrn_radiation_wavelength.wavelength   0.992 
_diffrn_radiation_wavelength.wt           1.0 
# 
_diffrn_source.diffrn_id                   1 
_diffrn_source.source                      SYNCHROTRON 
_diffrn_source.type                        'APS BEAMLINE 14-ID-B' 
_diffrn_source.pdbx_synchrotron_site       APS 
_diffrn_source.pdbx_synchrotron_beamline   14-ID-B 
_diffrn_source.pdbx_wavelength             0.992 
_diffrn_source.pdbx_wavelength_list        ? 
# 
_reflns.entry_id                     1ZFG 
_reflns.observed_criterion_sigma_I   0.000 
_reflns.observed_criterion_sigma_F   ? 
_reflns.d_resolution_low             16.900 
_reflns.d_resolution_high            1.710 
_reflns.number_obs                   5866 
_reflns.number_all                   ? 
_reflns.percent_possible_obs         92.3 
_reflns.pdbx_Rmerge_I_obs            0.252 
_reflns.pdbx_Rsym_value              ? 
_reflns.pdbx_netI_over_sigmaI        3.7000 
_reflns.B_iso_Wilson_estimate        8.6 
_reflns.pdbx_redundancy              ? 
_reflns.R_free_details               ? 
_reflns.pdbx_chi_squared             ? 
_reflns.pdbx_scaling_rejects         ? 
_reflns.pdbx_diffrn_id               1 
_reflns.pdbx_ordinal                 1 
# 
_reflns_shell.d_res_high             1.71 
_reflns_shell.d_res_low              1.76 
_reflns_shell.percent_possible_all   55.4 
_reflns_shell.Rmerge_I_obs           0.204 
_reflns_shell.pdbx_Rsym_value        ? 
_reflns_shell.meanI_over_sigI_obs    3.150 
_reflns_shell.pdbx_redundancy        ? 
_reflns_shell.percent_possible_obs   ? 
_reflns_shell.number_unique_all      ? 
_reflns_shell.number_measured_all    ? 
_reflns_shell.number_measured_obs    ? 
_reflns_shell.number_unique_obs      ? 
_reflns_shell.pdbx_chi_squared       ? 
_reflns_shell.pdbx_diffrn_id         ? 
_reflns_shell.pdbx_ordinal           1 
# 
_refine.entry_id                                 1ZFG 
_refine.ls_number_reflns_obs                     5649 
_refine.ls_number_reflns_all                     ? 
_refine.pdbx_ls_sigma_I                          ? 
_refine.pdbx_ls_sigma_F                          0.000 
_refine.pdbx_data_cutoff_high_absF               49404.58 
_refine.pdbx_data_cutoff_low_absF                0.00 
_refine.pdbx_data_cutoff_high_rms_absF           ? 
_refine.ls_d_res_low                             16.9 
_refine.ls_d_res_high                            1.75 
_refine.ls_percent_reflns_obs                    92.9 
_refine.ls_R_factor_obs                          0.314 
_refine.ls_R_factor_all                          ? 
_refine.ls_R_factor_R_work                       0.314 
_refine.ls_R_factor_R_free                       0.338 
_refine.ls_R_factor_R_free_error                 0.014 
_refine.ls_R_factor_R_free_error_details         ? 
_refine.ls_percent_reflns_R_free                 11.000 
_refine.ls_number_reflns_R_free                  619 
_refine.ls_number_parameters                     ? 
_refine.ls_number_restraints                     ? 
_refine.occupancy_min                            ? 
_refine.occupancy_max                            ? 
_refine.correlation_coeff_Fo_to_Fc               ? 
_refine.correlation_coeff_Fo_to_Fc_free          ? 
_refine.B_iso_mean                               13.14 
_refine.aniso_B[1][1]                            -1.80100 
_refine.aniso_B[2][2]                            -1.80100 
_refine.aniso_B[3][3]                            3.60100 
_refine.aniso_B[1][2]                            -2.56900 
_refine.aniso_B[1][3]                            0.00000 
_refine.aniso_B[2][3]                            0.00000 
_refine.solvent_model_details                    'FLAT MODEL' 
_refine.solvent_model_param_ksol                 1.03192 
_refine.solvent_model_param_bsol                 181.77 
_refine.pdbx_solvent_vdw_probe_radii             ? 
_refine.pdbx_solvent_ion_probe_radii             ? 
_refine.pdbx_solvent_shrinkage_radii             ? 
_refine.pdbx_ls_cross_valid_method               THROUGHOUT 
_refine.details                                  
'STRUCTURE IS NOT FULLY REFINED TO ITS LOWEST R VALUES. REFER TO MANUSCRIPT CITED WITHIN HEADER.' 
_refine.pdbx_starting_model                      'NDB ENTRY DD0020' 
_refine.pdbx_method_to_determine_struct          'MOLECULAR REPLACEMENT' 
_refine.pdbx_isotropic_thermal_model             RESTRAINED 
_refine.pdbx_stereochemistry_target_values       'MAXIMUM LIKELIHOOD' 
_refine.pdbx_stereochem_target_val_spec_case     ? 
_refine.pdbx_R_Free_selection_details            RANDOM 
_refine.pdbx_overall_ESU_R                       ? 
_refine.pdbx_overall_ESU_R_Free                  ? 
_refine.overall_SU_ML                            ? 
_refine.overall_SU_B                             ? 
_refine.ls_redundancy_reflns_obs                 ? 
_refine.overall_SU_R_Cruickshank_DPI             ? 
_refine.overall_SU_R_free                        ? 
_refine.ls_wR_factor_R_free                      ? 
_refine.ls_wR_factor_R_work                      ? 
_refine.overall_FOM_free_R_set                   ? 
_refine.overall_FOM_work_R_set                   ? 
_refine.pdbx_refine_id                           'X-RAY DIFFRACTION' 
_refine.pdbx_diffrn_id                           1 
_refine.pdbx_TLS_residual_ADP_flag               ? 
_refine.pdbx_overall_phase_error                 ? 
_refine.pdbx_overall_SU_R_free_Cruickshank_DPI   ? 
_refine.pdbx_overall_SU_R_Blow_DPI               ? 
_refine.pdbx_overall_SU_R_free_Blow_DPI          ? 
# 
_refine_analyze.entry_id                        1ZFG 
_refine_analyze.Luzzati_coordinate_error_obs    0.35 
_refine_analyze.Luzzati_sigma_a_obs             0.31 
_refine_analyze.Luzzati_d_res_low_obs           5.00 
_refine_analyze.Luzzati_coordinate_error_free   0.37 
_refine_analyze.Luzzati_sigma_a_free            0.29 
_refine_analyze.Luzzati_d_res_low_free          ? 
_refine_analyze.number_disordered_residues      ? 
_refine_analyze.occupancy_sum_hydrogen          ? 
_refine_analyze.occupancy_sum_non_hydrogen      ? 
_refine_analyze.pdbx_refine_id                  'X-RAY DIFFRACTION' 
# 
_refine_hist.pdbx_refine_id                   'X-RAY DIFFRACTION' 
_refine_hist.cycle_id                         LAST 
_refine_hist.pdbx_number_atoms_protein        0 
_refine_hist.pdbx_number_atoms_nucleic_acid   404 
_refine_hist.pdbx_number_atoms_ligand         0 
_refine_hist.number_atoms_solvent             59 
_refine_hist.number_atoms_total               463 
_refine_hist.d_res_high                       1.75 
_refine_hist.d_res_low                        16.9 
# 
loop_
_refine_ls_restr.type 
_refine_ls_restr.dev_ideal 
_refine_ls_restr.dev_ideal_target 
_refine_ls_restr.weight 
_refine_ls_restr.number 
_refine_ls_restr.pdbx_refine_id 
_refine_ls_restr.pdbx_restraint_function 
c_bond_d                0.013 ?     ? ? 'X-RAY DIFFRACTION' ? 
c_bond_d_na             ?     ?     ? ? 'X-RAY DIFFRACTION' ? 
c_bond_d_prot           ?     ?     ? ? 'X-RAY DIFFRACTION' ? 
c_angle_d               ?     ?     ? ? 'X-RAY DIFFRACTION' ? 
c_angle_d_na            ?     ?     ? ? 'X-RAY DIFFRACTION' ? 
c_angle_d_prot          ?     ?     ? ? 'X-RAY DIFFRACTION' ? 
c_angle_deg             1.9   ?     ? ? 'X-RAY DIFFRACTION' ? 
c_angle_deg_na          ?     ?     ? ? 'X-RAY DIFFRACTION' ? 
c_angle_deg_prot        ?     ?     ? ? 'X-RAY DIFFRACTION' ? 
c_dihedral_angle_d      19.6  ?     ? ? 'X-RAY DIFFRACTION' ? 
c_dihedral_angle_d_na   ?     ?     ? ? 'X-RAY DIFFRACTION' ? 
c_dihedral_angle_d_prot ?     ?     ? ? 'X-RAY DIFFRACTION' ? 
c_improper_angle_d      1.91  ?     ? ? 'X-RAY DIFFRACTION' ? 
c_improper_angle_d_na   ?     ?     ? ? 'X-RAY DIFFRACTION' ? 
c_improper_angle_d_prot ?     ?     ? ? 'X-RAY DIFFRACTION' ? 
c_mcbond_it             0.396 ?     ? ? 'X-RAY DIFFRACTION' ? 
c_mcangle_it            0.490 0.000 ? ? 'X-RAY DIFFRACTION' ? 
c_scbond_it             0.839 0.000 ? ? 'X-RAY DIFFRACTION' ? 
c_scangle_it            1.162 0.000 ? ? 'X-RAY DIFFRACTION' ? 
# 
_refine_ls_shell.pdbx_total_number_of_bins_used   6 
_refine_ls_shell.d_res_high                       1.75 
_refine_ls_shell.d_res_low                        1.86 
_refine_ls_shell.number_reflns_R_work             660 
_refine_ls_shell.R_factor_R_work                  0.36 
_refine_ls_shell.percent_reflns_obs               74.0 
_refine_ls_shell.R_factor_R_free                  0.394 
_refine_ls_shell.R_factor_R_free_error            0.043 
_refine_ls_shell.percent_reflns_R_free            11.3 
_refine_ls_shell.number_reflns_R_free             84 
_refine_ls_shell.redundancy_reflns_obs            ? 
_refine_ls_shell.pdbx_refine_id                   'X-RAY DIFFRACTION' 
_refine_ls_shell.number_reflns_all                ? 
_refine_ls_shell.R_factor_all                     ? 
# 
loop_
_pdbx_xplor_file.serial_no 
_pdbx_xplor_file.param_file 
_pdbx_xplor_file.topol_file 
_pdbx_xplor_file.pdbx_refine_id 
1 CNS_TOPPAR:DNA-RNA_REP.PARAM ? 'X-RAY DIFFRACTION' 
2 CNS_TOPPAR:WATER_REP.PARAM   ? 'X-RAY DIFFRACTION' 
3 CNS_TOPPAR:ION.PARAM         ? 'X-RAY DIFFRACTION' 
# 
_struct.entry_id                  1ZFG 
_struct.title                     'CTC Duplex B-DNA' 
_struct.pdbx_model_details        ? 
_struct.pdbx_CASP_flag            ? 
_struct.pdbx_model_type_details   ? 
# 
_struct_keywords.text            'Crystallographic Screen, DNA Structure, Holliday Junction, Molecular Structure, DNA' 
_struct_keywords.entry_id        1ZFG 
_struct_keywords.pdbx_keywords   DNA 
# 
loop_
_struct_asym.id 
_struct_asym.pdbx_blank_PDB_chainid_flag 
_struct_asym.pdbx_modified 
_struct_asym.entity_id 
_struct_asym.details 
A N N 1 ? 
B N N 1 ? 
C N N 2 ? 
D N N 2 ? 
# 
_struct_ref.id                         1 
_struct_ref.entity_id                  1 
_struct_ref.db_name                    PDB 
_struct_ref.db_code                    1ZFG 
_struct_ref.pdbx_db_accession          1ZFG 
_struct_ref.pdbx_db_isoform            ? 
_struct_ref.pdbx_seq_one_letter_code   ? 
_struct_ref.pdbx_align_begin           ? 
# 
loop_
_struct_ref_seq.align_id 
_struct_ref_seq.ref_id 
_struct_ref_seq.pdbx_PDB_id_code 
_struct_ref_seq.pdbx_strand_id 
_struct_ref_seq.seq_align_beg 
_struct_ref_seq.pdbx_seq_align_beg_ins_code 
_struct_ref_seq.seq_align_end 
_struct_ref_seq.pdbx_seq_align_end_ins_code 
_struct_ref_seq.pdbx_db_accession 
_struct_ref_seq.db_align_beg 
_struct_ref_seq.pdbx_db_align_beg_ins_code 
_struct_ref_seq.db_align_end 
_struct_ref_seq.pdbx_db_align_end_ins_code 
_struct_ref_seq.pdbx_auth_seq_align_beg 
_struct_ref_seq.pdbx_auth_seq_align_end 
1 1 1ZFG A 1 ? 10 ? 1ZFG 1  ? 10 ? 1  10 
2 1 1ZFG B 1 ? 10 ? 1ZFG 11 ? 20 ? 11 20 
# 
_pdbx_struct_assembly.id                   1 
_pdbx_struct_assembly.details              author_defined_assembly 
_pdbx_struct_assembly.method_details       ? 
_pdbx_struct_assembly.oligomeric_details   dimeric 
_pdbx_struct_assembly.oligomeric_count     2 
# 
_pdbx_struct_assembly_gen.assembly_id       1 
_pdbx_struct_assembly_gen.oper_expression   1 
_pdbx_struct_assembly_gen.asym_id_list      A,B,C,D 
# 
_pdbx_struct_oper_list.id                   1 
_pdbx_struct_oper_list.type                 'identity operation' 
_pdbx_struct_oper_list.name                 1_555 
_pdbx_struct_oper_list.symmetry_operation   x,y,z 
_pdbx_struct_oper_list.matrix[1][1]         1.0000000000 
_pdbx_struct_oper_list.matrix[1][2]         0.0000000000 
_pdbx_struct_oper_list.matrix[1][3]         0.0000000000 
_pdbx_struct_oper_list.vector[1]            0.0000000000 
_pdbx_struct_oper_list.matrix[2][1]         0.0000000000 
_pdbx_struct_oper_list.matrix[2][2]         1.0000000000 
_pdbx_struct_oper_list.matrix[2][3]         0.0000000000 
_pdbx_struct_oper_list.vector[2]            0.0000000000 
_pdbx_struct_oper_list.matrix[3][1]         0.0000000000 
_pdbx_struct_oper_list.matrix[3][2]         0.0000000000 
_pdbx_struct_oper_list.matrix[3][3]         1.0000000000 
_pdbx_struct_oper_list.vector[3]            0.0000000000 
# 
_struct_biol.id                    1 
_struct_biol.pdbx_parent_biol_id   ? 
_struct_biol.details               ? 
# 
loop_
_struct_conn.id 
_struct_conn.conn_type_id 
_struct_conn.pdbx_leaving_atom_flag 
_struct_conn.pdbx_PDB_id 
_struct_conn.ptnr1_label_asym_id 
_struct_conn.ptnr1_label_comp_id 
_struct_conn.ptnr1_label_seq_id 
_struct_conn.ptnr1_label_atom_id 
_struct_conn.pdbx_ptnr1_label_alt_id 
_struct_conn.pdbx_ptnr1_PDB_ins_code 
_struct_conn.pdbx_ptnr1_standard_comp_id 
_struct_conn.ptnr1_symmetry 
_struct_conn.ptnr2_label_asym_id 
_struct_conn.ptnr2_label_comp_id 
_struct_conn.ptnr2_label_seq_id 
_struct_conn.ptnr2_label_atom_id 
_struct_conn.pdbx_ptnr2_label_alt_id 
_struct_conn.pdbx_ptnr2_PDB_ins_code 
_struct_conn.ptnr1_auth_asym_id 
_struct_conn.ptnr1_auth_comp_id 
_struct_conn.ptnr1_auth_seq_id 
_struct_conn.ptnr2_auth_asym_id 
_struct_conn.ptnr2_auth_comp_id 
_struct_conn.ptnr2_auth_seq_id 
_struct_conn.ptnr2_symmetry 
_struct_conn.pdbx_ptnr3_label_atom_id 
_struct_conn.pdbx_ptnr3_label_seq_id 
_struct_conn.pdbx_ptnr3_label_comp_id 
_struct_conn.pdbx_ptnr3_label_asym_id 
_struct_conn.pdbx_ptnr3_label_alt_id 
_struct_conn.pdbx_ptnr3_PDB_ins_code 
_struct_conn.details 
_struct_conn.pdbx_dist_value 
_struct_conn.pdbx_value_order 
_struct_conn.pdbx_role 
hydrog1  hydrog ? ? A DC 1  O2 ? ? ? 1_555 B DG 10 N2 ? ? A DC 1  B DG 20 1_555 ? ? ? ? ? ? 'DC-DG PAIR'    ? ? ? 
hydrog2  hydrog ? ? A DC 2  N3 ? ? ? 1_555 B DG 9  N1 ? ? A DC 2  B DG 19 1_555 ? ? ? ? ? ? WATSON-CRICK    ? ? ? 
hydrog3  hydrog ? ? A DC 2  N4 ? ? ? 1_555 B DG 9  O6 ? ? A DC 2  B DG 19 1_555 ? ? ? ? ? ? WATSON-CRICK    ? ? ? 
hydrog4  hydrog ? ? A DC 2  O2 ? ? ? 1_555 B DG 9  N2 ? ? A DC 2  B DG 19 1_555 ? ? ? ? ? ? WATSON-CRICK    ? ? ? 
hydrog5  hydrog ? ? A DG 3  N1 ? ? ? 1_555 B DC 8  N3 ? ? A DG 3  B DC 18 1_555 ? ? ? ? ? ? 'DG-DC PAIR'    ? ? ? 
hydrog6  hydrog ? ? A DA 4  N1 ? ? ? 1_555 B DT 7  N3 ? ? A DA 4  B DT 17 1_555 ? ? ? ? ? ? WATSON-CRICK    ? ? ? 
hydrog7  hydrog ? ? A DA 4  N6 ? ? ? 1_555 B DT 7  O4 ? ? A DA 4  B DT 17 1_555 ? ? ? ? ? ? WATSON-CRICK    ? ? ? 
hydrog8  hydrog ? ? A DG 5  N1 ? ? ? 1_555 B DG 5  O6 ? ? A DG 5  B DG 15 1_555 ? ? ? ? ? ? 'DG-DG MISPAIR' ? ? ? 
hydrog9  hydrog ? ? A DG 5  N1 ? ? ? 1_555 B DC 6  N3 ? ? A DG 5  B DC 16 1_555 ? ? ? ? ? ? WATSON-CRICK    ? ? ? 
hydrog10 hydrog ? ? A DG 5  N2 ? ? ? 1_555 B DC 6  O2 ? ? A DG 5  B DC 16 1_555 ? ? ? ? ? ? WATSON-CRICK    ? ? ? 
hydrog11 hydrog ? ? A DG 5  O6 ? ? ? 1_555 B DC 6  N4 ? ? A DG 5  B DC 16 1_555 ? ? ? ? ? ? WATSON-CRICK    ? ? ? 
hydrog12 hydrog ? ? A DC 6  N3 ? ? ? 1_555 B DG 5  N1 ? ? A DC 6  B DG 15 1_555 ? ? ? ? ? ? WATSON-CRICK    ? ? ? 
hydrog13 hydrog ? ? A DC 6  N4 ? ? ? 1_555 B DG 5  O6 ? ? A DC 6  B DG 15 1_555 ? ? ? ? ? ? WATSON-CRICK    ? ? ? 
hydrog14 hydrog ? ? A DC 6  O2 ? ? ? 1_555 B DG 5  N2 ? ? A DC 6  B DG 15 1_555 ? ? ? ? ? ? WATSON-CRICK    ? ? ? 
hydrog15 hydrog ? ? A DT 7  N3 ? ? ? 1_555 B DA 4  N1 ? ? A DT 7  B DA 14 1_555 ? ? ? ? ? ? 'DT-DA PAIR'    ? ? ? 
hydrog16 hydrog ? ? A DC 8  N3 ? ? ? 1_555 B DG 3  N1 ? ? A DC 8  B DG 13 1_555 ? ? ? ? ? ? WATSON-CRICK    ? ? ? 
hydrog17 hydrog ? ? A DC 8  N4 ? ? ? 1_555 B DG 3  O6 ? ? A DC 8  B DG 13 1_555 ? ? ? ? ? ? WATSON-CRICK    ? ? ? 
hydrog18 hydrog ? ? A DC 8  O2 ? ? ? 1_555 B DG 3  N2 ? ? A DC 8  B DG 13 1_555 ? ? ? ? ? ? WATSON-CRICK    ? ? ? 
hydrog19 hydrog ? ? A DG 9  N1 ? ? ? 1_555 B DC 2  N3 ? ? A DG 9  B DC 12 1_555 ? ? ? ? ? ? WATSON-CRICK    ? ? ? 
hydrog20 hydrog ? ? A DG 9  N2 ? ? ? 1_555 B DC 2  O2 ? ? A DG 9  B DC 12 1_555 ? ? ? ? ? ? WATSON-CRICK    ? ? ? 
hydrog21 hydrog ? ? A DG 9  O6 ? ? ? 1_555 B DC 2  N4 ? ? A DG 9  B DC 12 1_555 ? ? ? ? ? ? WATSON-CRICK    ? ? ? 
hydrog22 hydrog ? ? A DG 10 N2 ? ? ? 1_555 B DC 1  O2 ? ? A DG 10 B DC 11 1_555 ? ? ? ? ? ? 'DG-DC PAIR'    ? ? ? 
hydrog23 hydrog ? ? A DG 10 N2 ? ? ? 1_555 B DC 2  O2 ? ? A DG 10 B DC 12 1_555 ? ? ? ? ? ? 'DG-DC PAIR'    ? ? ? 
# 
_struct_conn_type.id          hydrog 
_struct_conn_type.criteria    ? 
_struct_conn_type.reference   ? 
# 
loop_
_pdbx_validate_close_contact.id 
_pdbx_validate_close_contact.PDB_model_num 
_pdbx_validate_close_contact.auth_atom_id_1 
_pdbx_validate_close_contact.auth_asym_id_1 
_pdbx_validate_close_contact.auth_comp_id_1 
_pdbx_validate_close_contact.auth_seq_id_1 
_pdbx_validate_close_contact.PDB_ins_code_1 
_pdbx_validate_close_contact.label_alt_id_1 
_pdbx_validate_close_contact.auth_atom_id_2 
_pdbx_validate_close_contact.auth_asym_id_2 
_pdbx_validate_close_contact.auth_comp_id_2 
_pdbx_validate_close_contact.auth_seq_id_2 
_pdbx_validate_close_contact.PDB_ins_code_2 
_pdbx_validate_close_contact.label_alt_id_2 
_pdbx_validate_close_contact.dist 
1 1 O  A HOH 35 ? ? O A HOH 79 ? ? 2.04 
2 1 N2 A DG  3  ? ? O A HOH 76 ? ? 2.10 
# 
loop_
_pdbx_validate_rmsd_bond.id 
_pdbx_validate_rmsd_bond.PDB_model_num 
_pdbx_validate_rmsd_bond.auth_atom_id_1 
_pdbx_validate_rmsd_bond.auth_asym_id_1 
_pdbx_validate_rmsd_bond.auth_comp_id_1 
_pdbx_validate_rmsd_bond.auth_seq_id_1 
_pdbx_validate_rmsd_bond.PDB_ins_code_1 
_pdbx_validate_rmsd_bond.label_alt_id_1 
_pdbx_validate_rmsd_bond.auth_atom_id_2 
_pdbx_validate_rmsd_bond.auth_asym_id_2 
_pdbx_validate_rmsd_bond.auth_comp_id_2 
_pdbx_validate_rmsd_bond.auth_seq_id_2 
_pdbx_validate_rmsd_bond.PDB_ins_code_2 
_pdbx_validate_rmsd_bond.label_alt_id_2 
_pdbx_validate_rmsd_bond.bond_value 
_pdbx_validate_rmsd_bond.bond_target_value 
_pdbx_validate_rmsd_bond.bond_deviation 
_pdbx_validate_rmsd_bond.bond_standard_deviation 
_pdbx_validate_rmsd_bond.linker_flag 
1 1 "C5'" A DG 3  ? ? "C4'" A DG 3  ? ? 1.621 1.512 0.109  0.007 N 
2 1 C2    A DG 10 ? ? N3    A DG 10 ? ? 1.275 1.323 -0.048 0.008 N 
3 1 N9    A DG 10 ? ? C4    A DG 10 ? ? 1.313 1.375 -0.062 0.008 N 
4 1 N1    B DC 12 ? ? C2    B DC 12 ? ? 1.326 1.397 -0.071 0.010 N 
5 1 "O3'" B DC 18 ? ? "C3'" B DC 18 ? ? 1.597 1.435 0.162  0.013 N 
6 1 "C5'" B DG 20 ? ? "C4'" B DG 20 ? ? 1.571 1.512 0.059  0.007 N 
# 
loop_
_pdbx_validate_rmsd_angle.id 
_pdbx_validate_rmsd_angle.PDB_model_num 
_pdbx_validate_rmsd_angle.auth_atom_id_1 
_pdbx_validate_rmsd_angle.auth_asym_id_1 
_pdbx_validate_rmsd_angle.auth_comp_id_1 
_pdbx_validate_rmsd_angle.auth_seq_id_1 
_pdbx_validate_rmsd_angle.PDB_ins_code_1 
_pdbx_validate_rmsd_angle.label_alt_id_1 
_pdbx_validate_rmsd_angle.auth_atom_id_2 
_pdbx_validate_rmsd_angle.auth_asym_id_2 
_pdbx_validate_rmsd_angle.auth_comp_id_2 
_pdbx_validate_rmsd_angle.auth_seq_id_2 
_pdbx_validate_rmsd_angle.PDB_ins_code_2 
_pdbx_validate_rmsd_angle.label_alt_id_2 
_pdbx_validate_rmsd_angle.auth_atom_id_3 
_pdbx_validate_rmsd_angle.auth_asym_id_3 
_pdbx_validate_rmsd_angle.auth_comp_id_3 
_pdbx_validate_rmsd_angle.auth_seq_id_3 
_pdbx_validate_rmsd_angle.PDB_ins_code_3 
_pdbx_validate_rmsd_angle.label_alt_id_3 
_pdbx_validate_rmsd_angle.angle_value 
_pdbx_validate_rmsd_angle.angle_target_value 
_pdbx_validate_rmsd_angle.angle_deviation 
_pdbx_validate_rmsd_angle.angle_standard_deviation 
_pdbx_validate_rmsd_angle.linker_flag 
1 1 C6    A DC 1  ? ? N1    A DC 1  ? ? "C1'" A DC 1  ? ? 110.64 120.80 -10.16 1.20 N 
2 1 C2    A DC 1  ? ? N1    A DC 1  ? ? "C1'" A DC 1  ? ? 128.85 118.80 10.05  1.10 N 
3 1 "C5'" A DC 2  ? ? "C4'" A DC 2  ? ? "O4'" A DC 2  ? ? 118.29 109.80 8.49   1.10 N 
4 1 "C5'" A DG 3  ? ? "C4'" A DG 3  ? ? "O4'" A DG 3  ? ? 117.00 109.80 7.20   1.10 N 
5 1 N9    A DG 10 ? ? "C1'" A DG 10 ? ? "C2'" A DG 10 ? ? 126.79 114.30 12.49  1.40 N 
6 1 "C5'" B DG 20 ? ? "C4'" B DG 20 ? ? "O4'" B DG 20 ? ? 122.95 109.80 13.15  1.10 N 
# 
loop_
_chem_comp_atom.comp_id 
_chem_comp_atom.atom_id 
_chem_comp_atom.type_symbol 
_chem_comp_atom.pdbx_aromatic_flag 
_chem_comp_atom.pdbx_stereo_config 
_chem_comp_atom.pdbx_ordinal 
DA  OP3    O N N 1   
DA  P      P N N 2   
DA  OP1    O N N 3   
DA  OP2    O N N 4   
DA  "O5'"  O N N 5   
DA  "C5'"  C N N 6   
DA  "C4'"  C N R 7   
DA  "O4'"  O N N 8   
DA  "C3'"  C N S 9   
DA  "O3'"  O N N 10  
DA  "C2'"  C N N 11  
DA  "C1'"  C N R 12  
DA  N9     N Y N 13  
DA  C8     C Y N 14  
DA  N7     N Y N 15  
DA  C5     C Y N 16  
DA  C6     C Y N 17  
DA  N6     N N N 18  
DA  N1     N Y N 19  
DA  C2     C Y N 20  
DA  N3     N Y N 21  
DA  C4     C Y N 22  
DA  HOP3   H N N 23  
DA  HOP2   H N N 24  
DA  "H5'"  H N N 25  
DA  "H5''" H N N 26  
DA  "H4'"  H N N 27  
DA  "H3'"  H N N 28  
DA  "HO3'" H N N 29  
DA  "H2'"  H N N 30  
DA  "H2''" H N N 31  
DA  "H1'"  H N N 32  
DA  H8     H N N 33  
DA  H61    H N N 34  
DA  H62    H N N 35  
DA  H2     H N N 36  
DC  OP3    O N N 37  
DC  P      P N N 38  
DC  OP1    O N N 39  
DC  OP2    O N N 40  
DC  "O5'"  O N N 41  
DC  "C5'"  C N N 42  
DC  "C4'"  C N R 43  
DC  "O4'"  O N N 44  
DC  "C3'"  C N S 45  
DC  "O3'"  O N N 46  
DC  "C2'"  C N N 47  
DC  "C1'"  C N R 48  
DC  N1     N N N 49  
DC  C2     C N N 50  
DC  O2     O N N 51  
DC  N3     N N N 52  
DC  C4     C N N 53  
DC  N4     N N N 54  
DC  C5     C N N 55  
DC  C6     C N N 56  
DC  HOP3   H N N 57  
DC  HOP2   H N N 58  
DC  "H5'"  H N N 59  
DC  "H5''" H N N 60  
DC  "H4'"  H N N 61  
DC  "H3'"  H N N 62  
DC  "HO3'" H N N 63  
DC  "H2'"  H N N 64  
DC  "H2''" H N N 65  
DC  "H1'"  H N N 66  
DC  H41    H N N 67  
DC  H42    H N N 68  
DC  H5     H N N 69  
DC  H6     H N N 70  
DG  OP3    O N N 71  
DG  P      P N N 72  
DG  OP1    O N N 73  
DG  OP2    O N N 74  
DG  "O5'"  O N N 75  
DG  "C5'"  C N N 76  
DG  "C4'"  C N R 77  
DG  "O4'"  O N N 78  
DG  "C3'"  C N S 79  
DG  "O3'"  O N N 80  
DG  "C2'"  C N N 81  
DG  "C1'"  C N R 82  
DG  N9     N Y N 83  
DG  C8     C Y N 84  
DG  N7     N Y N 85  
DG  C5     C Y N 86  
DG  C6     C N N 87  
DG  O6     O N N 88  
DG  N1     N N N 89  
DG  C2     C N N 90  
DG  N2     N N N 91  
DG  N3     N N N 92  
DG  C4     C Y N 93  
DG  HOP3   H N N 94  
DG  HOP2   H N N 95  
DG  "H5'"  H N N 96  
DG  "H5''" H N N 97  
DG  "H4'"  H N N 98  
DG  "H3'"  H N N 99  
DG  "HO3'" H N N 100 
DG  "H2'"  H N N 101 
DG  "H2''" H N N 102 
DG  "H1'"  H N N 103 
DG  H8     H N N 104 
DG  H1     H N N 105 
DG  H21    H N N 106 
DG  H22    H N N 107 
DT  OP3    O N N 108 
DT  P      P N N 109 
DT  OP1    O N N 110 
DT  OP2    O N N 111 
DT  "O5'"  O N N 112 
DT  "C5'"  C N N 113 
DT  "C4'"  C N R 114 
DT  "O4'"  O N N 115 
DT  "C3'"  C N S 116 
DT  "O3'"  O N N 117 
DT  "C2'"  C N N 118 
DT  "C1'"  C N R 119 
DT  N1     N N N 120 
DT  C2     C N N 121 
DT  O2     O N N 122 
DT  N3     N N N 123 
DT  C4     C N N 124 
DT  O4     O N N 125 
DT  C5     C N N 126 
DT  C7     C N N 127 
DT  C6     C N N 128 
DT  HOP3   H N N 129 
DT  HOP2   H N N 130 
DT  "H5'"  H N N 131 
DT  "H5''" H N N 132 
DT  "H4'"  H N N 133 
DT  "H3'"  H N N 134 
DT  "HO3'" H N N 135 
DT  "H2'"  H N N 136 
DT  "H2''" H N N 137 
DT  "H1'"  H N N 138 
DT  H3     H N N 139 
DT  H71    H N N 140 
DT  H72    H N N 141 
DT  H73    H N N 142 
DT  H6     H N N 143 
HOH O      O N N 144 
HOH H1     H N N 145 
HOH H2     H N N 146 
# 
loop_
_chem_comp_bond.comp_id 
_chem_comp_bond.atom_id_1 
_chem_comp_bond.atom_id_2 
_chem_comp_bond.value_order 
_chem_comp_bond.pdbx_aromatic_flag 
_chem_comp_bond.pdbx_stereo_config 
_chem_comp_bond.pdbx_ordinal 
DA  OP3   P      sing N N 1   
DA  OP3   HOP3   sing N N 2   
DA  P     OP1    doub N N 3   
DA  P     OP2    sing N N 4   
DA  P     "O5'"  sing N N 5   
DA  OP2   HOP2   sing N N 6   
DA  "O5'" "C5'"  sing N N 7   
DA  "C5'" "C4'"  sing N N 8   
DA  "C5'" "H5'"  sing N N 9   
DA  "C5'" "H5''" sing N N 10  
DA  "C4'" "O4'"  sing N N 11  
DA  "C4'" "C3'"  sing N N 12  
DA  "C4'" "H4'"  sing N N 13  
DA  "O4'" "C1'"  sing N N 14  
DA  "C3'" "O3'"  sing N N 15  
DA  "C3'" "C2'"  sing N N 16  
DA  "C3'" "H3'"  sing N N 17  
DA  "O3'" "HO3'" sing N N 18  
DA  "C2'" "C1'"  sing N N 19  
DA  "C2'" "H2'"  sing N N 20  
DA  "C2'" "H2''" sing N N 21  
DA  "C1'" N9     sing N N 22  
DA  "C1'" "H1'"  sing N N 23  
DA  N9    C8     sing Y N 24  
DA  N9    C4     sing Y N 25  
DA  C8    N7     doub Y N 26  
DA  C8    H8     sing N N 27  
DA  N7    C5     sing Y N 28  
DA  C5    C6     sing Y N 29  
DA  C5    C4     doub Y N 30  
DA  C6    N6     sing N N 31  
DA  C6    N1     doub Y N 32  
DA  N6    H61    sing N N 33  
DA  N6    H62    sing N N 34  
DA  N1    C2     sing Y N 35  
DA  C2    N3     doub Y N 36  
DA  C2    H2     sing N N 37  
DA  N3    C4     sing Y N 38  
DC  OP3   P      sing N N 39  
DC  OP3   HOP3   sing N N 40  
DC  P     OP1    doub N N 41  
DC  P     OP2    sing N N 42  
DC  P     "O5'"  sing N N 43  
DC  OP2   HOP2   sing N N 44  
DC  "O5'" "C5'"  sing N N 45  
DC  "C5'" "C4'"  sing N N 46  
DC  "C5'" "H5'"  sing N N 47  
DC  "C5'" "H5''" sing N N 48  
DC  "C4'" "O4'"  sing N N 49  
DC  "C4'" "C3'"  sing N N 50  
DC  "C4'" "H4'"  sing N N 51  
DC  "O4'" "C1'"  sing N N 52  
DC  "C3'" "O3'"  sing N N 53  
DC  "C3'" "C2'"  sing N N 54  
DC  "C3'" "H3'"  sing N N 55  
DC  "O3'" "HO3'" sing N N 56  
DC  "C2'" "C1'"  sing N N 57  
DC  "C2'" "H2'"  sing N N 58  
DC  "C2'" "H2''" sing N N 59  
DC  "C1'" N1     sing N N 60  
DC  "C1'" "H1'"  sing N N 61  
DC  N1    C2     sing N N 62  
DC  N1    C6     sing N N 63  
DC  C2    O2     doub N N 64  
DC  C2    N3     sing N N 65  
DC  N3    C4     doub N N 66  
DC  C4    N4     sing N N 67  
DC  C4    C5     sing N N 68  
DC  N4    H41    sing N N 69  
DC  N4    H42    sing N N 70  
DC  C5    C6     doub N N 71  
DC  C5    H5     sing N N 72  
DC  C6    H6     sing N N 73  
DG  OP3   P      sing N N 74  
DG  OP3   HOP3   sing N N 75  
DG  P     OP1    doub N N 76  
DG  P     OP2    sing N N 77  
DG  P     "O5'"  sing N N 78  
DG  OP2   HOP2   sing N N 79  
DG  "O5'" "C5'"  sing N N 80  
DG  "C5'" "C4'"  sing N N 81  
DG  "C5'" "H5'"  sing N N 82  
DG  "C5'" "H5''" sing N N 83  
DG  "C4'" "O4'"  sing N N 84  
DG  "C4'" "C3'"  sing N N 85  
DG  "C4'" "H4'"  sing N N 86  
DG  "O4'" "C1'"  sing N N 87  
DG  "C3'" "O3'"  sing N N 88  
DG  "C3'" "C2'"  sing N N 89  
DG  "C3'" "H3'"  sing N N 90  
DG  "O3'" "HO3'" sing N N 91  
DG  "C2'" "C1'"  sing N N 92  
DG  "C2'" "H2'"  sing N N 93  
DG  "C2'" "H2''" sing N N 94  
DG  "C1'" N9     sing N N 95  
DG  "C1'" "H1'"  sing N N 96  
DG  N9    C8     sing Y N 97  
DG  N9    C4     sing Y N 98  
DG  C8    N7     doub Y N 99  
DG  C8    H8     sing N N 100 
DG  N7    C5     sing Y N 101 
DG  C5    C6     sing N N 102 
DG  C5    C4     doub Y N 103 
DG  C6    O6     doub N N 104 
DG  C6    N1     sing N N 105 
DG  N1    C2     sing N N 106 
DG  N1    H1     sing N N 107 
DG  C2    N2     sing N N 108 
DG  C2    N3     doub N N 109 
DG  N2    H21    sing N N 110 
DG  N2    H22    sing N N 111 
DG  N3    C4     sing N N 112 
DT  OP3   P      sing N N 113 
DT  OP3   HOP3   sing N N 114 
DT  P     OP1    doub N N 115 
DT  P     OP2    sing N N 116 
DT  P     "O5'"  sing N N 117 
DT  OP2   HOP2   sing N N 118 
DT  "O5'" "C5'"  sing N N 119 
DT  "C5'" "C4'"  sing N N 120 
DT  "C5'" "H5'"  sing N N 121 
DT  "C5'" "H5''" sing N N 122 
DT  "C4'" "O4'"  sing N N 123 
DT  "C4'" "C3'"  sing N N 124 
DT  "C4'" "H4'"  sing N N 125 
DT  "O4'" "C1'"  sing N N 126 
DT  "C3'" "O3'"  sing N N 127 
DT  "C3'" "C2'"  sing N N 128 
DT  "C3'" "H3'"  sing N N 129 
DT  "O3'" "HO3'" sing N N 130 
DT  "C2'" "C1'"  sing N N 131 
DT  "C2'" "H2'"  sing N N 132 
DT  "C2'" "H2''" sing N N 133 
DT  "C1'" N1     sing N N 134 
DT  "C1'" "H1'"  sing N N 135 
DT  N1    C2     sing N N 136 
DT  N1    C6     sing N N 137 
DT  C2    O2     doub N N 138 
DT  C2    N3     sing N N 139 
DT  N3    C4     sing N N 140 
DT  N3    H3     sing N N 141 
DT  C4    O4     doub N N 142 
DT  C4    C5     sing N N 143 
DT  C5    C7     sing N N 144 
DT  C5    C6     doub N N 145 
DT  C7    H71    sing N N 146 
DT  C7    H72    sing N N 147 
DT  C7    H73    sing N N 148 
DT  C6    H6     sing N N 149 
HOH O     H1     sing N N 150 
HOH O     H2     sing N N 151 
# 
loop_
_ndb_struct_conf_na.entry_id 
_ndb_struct_conf_na.feature 
1ZFG 'double helix'         
1ZFG 'b-form double helix'  
1ZFG 'mismatched base pair' 
# 
loop_
_ndb_struct_na_base_pair.model_number 
_ndb_struct_na_base_pair.i_label_asym_id 
_ndb_struct_na_base_pair.i_label_comp_id 
_ndb_struct_na_base_pair.i_label_seq_id 
_ndb_struct_na_base_pair.i_symmetry 
_ndb_struct_na_base_pair.j_label_asym_id 
_ndb_struct_na_base_pair.j_label_comp_id 
_ndb_struct_na_base_pair.j_label_seq_id 
_ndb_struct_na_base_pair.j_symmetry 
_ndb_struct_na_base_pair.shear 
_ndb_struct_na_base_pair.stretch 
_ndb_struct_na_base_pair.stagger 
_ndb_struct_na_base_pair.buckle 
_ndb_struct_na_base_pair.propeller 
_ndb_struct_na_base_pair.opening 
_ndb_struct_na_base_pair.pair_number 
_ndb_struct_na_base_pair.pair_name 
_ndb_struct_na_base_pair.i_auth_asym_id 
_ndb_struct_na_base_pair.i_auth_seq_id 
_ndb_struct_na_base_pair.i_PDB_ins_code 
_ndb_struct_na_base_pair.j_auth_asym_id 
_ndb_struct_na_base_pair.j_auth_seq_id 
_ndb_struct_na_base_pair.j_PDB_ins_code 
_ndb_struct_na_base_pair.hbond_type_28 
_ndb_struct_na_base_pair.hbond_type_12 
1 A DC 1  1_555 B DG 10 1_555 0.135  0.433  0.080  -0.441  -11.597 1.047  1  A_DC1:DG20_B  A 1  ? B 20 ? ?  1 
1 A DC 2  1_555 B DG 9  1_555 0.869  -0.192 0.223  -1.371  15.626  -7.586 2  A_DC2:DG19_B  A 2  ? B 19 ? 19 1 
1 A DG 3  1_555 B DC 8  1_555 0.589  0.095  0.494  1.435   -7.010  11.686 3  A_DG3:DC18_B  A 3  ? B 18 ? ?  1 
1 A DA 4  1_555 B DT 7  1_555 0.884  -0.472 0.489  -3.279  5.738   -2.505 4  A_DA4:DT17_B  A 4  ? B 17 ? 20 1 
1 A DG 5  1_555 B DC 6  1_555 -0.304 -0.030 0.525  -5.382  -24.541 7.276  5  A_DG5:DC16_B  A 5  ? B 16 ? 19 1 
1 A DC 6  1_555 B DG 5  1_555 0.723  -0.820 0.442  1.239   -11.099 -8.040 6  A_DC6:DG15_B  A 6  ? B 15 ? 19 1 
1 A DT 7  1_555 B DA 4  1_555 -1.821 -0.066 0.144  2.002   -5.791  7.517  7  A_DT7:DA14_B  A 7  ? B 14 ? ?  ? 
1 A DC 8  1_555 B DG 3  1_555 0.545  -0.035 -1.146 2.010   -12.088 10.832 8  A_DC8:DG13_B  A 8  ? B 13 ? 19 1 
1 A DG 9  1_555 B DC 2  1_555 0.508  -0.799 -0.939 -23.441 -23.268 7.769  9  A_DG9:DC12_B  A 9  ? B 12 ? 19 1 
1 A DG 10 1_555 B DC 1  1_555 0.359  0.529  -0.340 6.302   -14.867 4.793  10 A_DG10:DC11_B A 10 ? B 11 ? ?  ? 
# 
loop_
_ndb_struct_na_base_pair_step.model_number 
_ndb_struct_na_base_pair_step.i_label_asym_id_1 
_ndb_struct_na_base_pair_step.i_label_comp_id_1 
_ndb_struct_na_base_pair_step.i_label_seq_id_1 
_ndb_struct_na_base_pair_step.i_symmetry_1 
_ndb_struct_na_base_pair_step.j_label_asym_id_1 
_ndb_struct_na_base_pair_step.j_label_comp_id_1 
_ndb_struct_na_base_pair_step.j_label_seq_id_1 
_ndb_struct_na_base_pair_step.j_symmetry_1 
_ndb_struct_na_base_pair_step.i_label_asym_id_2 
_ndb_struct_na_base_pair_step.i_label_comp_id_2 
_ndb_struct_na_base_pair_step.i_label_seq_id_2 
_ndb_struct_na_base_pair_step.i_symmetry_2 
_ndb_struct_na_base_pair_step.j_label_asym_id_2 
_ndb_struct_na_base_pair_step.j_label_comp_id_2 
_ndb_struct_na_base_pair_step.j_label_seq_id_2 
_ndb_struct_na_base_pair_step.j_symmetry_2 
_ndb_struct_na_base_pair_step.shift 
_ndb_struct_na_base_pair_step.slide 
_ndb_struct_na_base_pair_step.rise 
_ndb_struct_na_base_pair_step.tilt 
_ndb_struct_na_base_pair_step.roll 
_ndb_struct_na_base_pair_step.twist 
_ndb_struct_na_base_pair_step.x_displacement 
_ndb_struct_na_base_pair_step.y_displacement 
_ndb_struct_na_base_pair_step.helical_rise 
_ndb_struct_na_base_pair_step.inclination 
_ndb_struct_na_base_pair_step.tip 
_ndb_struct_na_base_pair_step.helical_twist 
_ndb_struct_na_base_pair_step.step_number 
_ndb_struct_na_base_pair_step.step_name 
_ndb_struct_na_base_pair_step.i_auth_asym_id_1 
_ndb_struct_na_base_pair_step.i_auth_seq_id_1 
_ndb_struct_na_base_pair_step.i_PDB_ins_code_1 
_ndb_struct_na_base_pair_step.j_auth_asym_id_1 
_ndb_struct_na_base_pair_step.j_auth_seq_id_1 
_ndb_struct_na_base_pair_step.j_PDB_ins_code_1 
_ndb_struct_na_base_pair_step.i_auth_asym_id_2 
_ndb_struct_na_base_pair_step.i_auth_seq_id_2 
_ndb_struct_na_base_pair_step.i_PDB_ins_code_2 
_ndb_struct_na_base_pair_step.j_auth_asym_id_2 
_ndb_struct_na_base_pair_step.j_auth_seq_id_2 
_ndb_struct_na_base_pair_step.j_PDB_ins_code_2 
1 A DC 1 1_555 B DG 10 1_555 A DC 2  1_555 B DG 9 1_555 0.138  -0.866 3.674 -3.146 4.046  34.541 -2.121 -0.757 3.527 6.767   5.262 
34.908 1 AA_DC1DC2:DG19DG20_BB  A 1 ? B 20 ? A 2  ? B 19 ? 
1 A DC 2 1_555 B DG 9  1_555 A DG 3  1_555 B DC 8 1_555 0.854  1.111  2.836 4.492  -3.253 38.841 1.993  -0.806 2.815 -4.861  
-6.712  39.220 2 AA_DC2DG3:DC18DG19_BB  A 2 ? B 19 ? A 3  ? B 18 ? 
1 A DG 3 1_555 B DC 8  1_555 A DA 4  1_555 B DT 7 1_555 -1.155 0.150  3.196 -3.245 12.483 34.628 -1.459 1.385  3.155 20.128  5.232 
36.883 3 AA_DG3DA4:DT17DC18_BB  A 3 ? B 18 ? A 4  ? B 17 ? 
1 A DA 4 1_555 B DT 7  1_555 A DG 5  1_555 B DC 6 1_555 0.142  -0.608 3.625 4.293  -4.008 31.945 -0.298 0.592  3.659 -7.207  
-7.718  32.467 4 AA_DA4DG5:DC16DT17_BB  A 4 ? B 17 ? A 5  ? B 16 ? 
1 A DG 5 1_555 B DC 6  1_555 A DC 6  1_555 B DG 5 1_555 -1.846 -0.179 2.816 -4.382 1.126  44.936 -0.323 2.056  2.969 1.469   5.716 
45.152 5 AA_DG5DC6:DG15DC16_BB  A 5 ? B 16 ? A 6  ? B 15 ? 
1 A DC 6 1_555 B DG 5  1_555 A DT 7  1_555 B DA 4 1_555 2.154  0.166  3.369 9.361  -7.045 29.372 1.778  -2.001 3.727 -13.248 
-17.605 31.574 6 AA_DC6DT7:DA14DG15_BB  A 6 ? B 15 ? A 7  ? B 14 ? 
1 A DT 7 1_555 B DA 4  1_555 A DC 8  1_555 B DG 3 1_555 0.141  1.297  3.582 4.375  20.087 37.022 -0.692 0.347  3.771 29.054  
-6.328  42.171 7 AA_DT7DC8:DG13DA14_BB  A 7 ? B 14 ? A 8  ? B 13 ? 
1 A DC 8 1_555 B DG 3  1_555 A DG 9  1_555 B DC 2 1_555 -0.584 2.385  4.204 -1.298 11.389 41.542 1.693  0.619  4.686 15.701  1.790 
43.027 8 AA_DC8DG9:DC12DG13_BB  A 8 ? B 13 ? A 9  ? B 12 ? 
1 A DG 9 1_555 B DC 2  1_555 A DG 10 1_555 B DC 1 1_555 0.256  0.419  2.760 -4.585 7.628  16.195 -2.298 -2.962 2.532 24.788  
14.899  18.465 9 AA_DG9DG10:DC11DC12_BB A 9 ? B 12 ? A 10 ? B 11 ? 
# 
_pdbx_initial_refinement_model.accession_code   1CVX 
_pdbx_initial_refinement_model.id               1 
_pdbx_initial_refinement_model.entity_id_list   ? 
_pdbx_initial_refinement_model.type             'experimental model' 
_pdbx_initial_refinement_model.source_name      PDB 
_pdbx_initial_refinement_model.details          'NDB ENTRY DD0020' 
# 
_atom_sites.entry_id                    1ZFG 
_atom_sites.fract_transf_matrix[1][1]   -0.00970634 
_atom_sites.fract_transf_matrix[1][2]   0.01719247 
_atom_sites.fract_transf_matrix[1][3]   0.02786304 
_atom_sites.fract_transf_matrix[2][1]   0.01036575 
_atom_sites.fract_transf_matrix[2][2]   -0.01027061 
_atom_sites.fract_transf_matrix[2][3]   0.03087426 
_atom_sites.fract_transf_matrix[3][1]   0.01716508 
_atom_sites.fract_transf_matrix[3][2]   0.01236464 
_atom_sites.fract_transf_matrix[3][3]   -0.00164980 
_atom_sites.fract_transf_vector[1]      0.554847 
_atom_sites.fract_transf_vector[2]      0.794353 
_atom_sites.fract_transf_vector[3]      0.042042 
# 
loop_
_atom_type.symbol 
C 
N 
O 
P 
# 
loop_
_atom_site.group_PDB 
_atom_site.id 
_atom_site.type_symbol 
_atom_site.label_atom_id 
_atom_site.label_alt_id 
_atom_site.label_comp_id 
_atom_site.label_asym_id 
_atom_site.label_entity_id 
_atom_site.label_seq_id 
_atom_site.pdbx_PDB_ins_code 
_atom_site.Cartn_x 
_atom_site.Cartn_y 
_atom_site.Cartn_z 
_atom_site.occupancy 
_atom_site.B_iso_or_equiv 
_atom_site.pdbx_formal_charge 
_atom_site.auth_seq_id 
_atom_site.auth_comp_id 
_atom_site.auth_asym_id 
_atom_site.auth_atom_id 
_atom_site.pdbx_PDB_model_num 
ATOM   1   O "O5'" . DC  A 1 1  ? 0.703   13.735  3.950   1.00 4.92  ? 1  DC  A "O5'" 1 
ATOM   2   C "C5'" . DC  A 1 1  ? 0.846   15.145  4.150   1.00 3.16  ? 1  DC  A "C5'" 1 
ATOM   3   C "C4'" . DC  A 1 1  ? 0.522   15.488  5.586   1.00 3.78  ? 1  DC  A "C4'" 1 
ATOM   4   O "O4'" . DC  A 1 1  ? -0.910  15.616  5.759   1.00 4.45  ? 1  DC  A "O4'" 1 
ATOM   5   C "C3'" . DC  A 1 1  ? 0.971   14.417  6.577   1.00 4.14  ? 1  DC  A "C3'" 1 
ATOM   6   O "O3'" . DC  A 1 1  ? 1.515   15.097  7.700   1.00 2.79  ? 1  DC  A "O3'" 1 
ATOM   7   C "C2'" . DC  A 1 1  ? -0.289  13.614  6.814   1.00 4.20  ? 1  DC  A "C2'" 1 
ATOM   8   C "C1'" . DC  A 1 1  ? -1.391  14.649  6.677   1.00 4.87  ? 1  DC  A "C1'" 1 
ATOM   9   N N1    . DC  A 1 1  ? -2.585  14.037  6.096   1.00 4.06  ? 1  DC  A N1    1 
ATOM   10  C C2    . DC  A 1 1  ? -3.572  13.285  6.723   1.00 3.65  ? 1  DC  A C2    1 
ATOM   11  O O2    . DC  A 1 1  ? -3.492  13.097  7.945   1.00 3.03  ? 1  DC  A O2    1 
ATOM   12  N N3    . DC  A 1 1  ? -4.587  12.786  5.985   1.00 3.25  ? 1  DC  A N3    1 
ATOM   13  C C4    . DC  A 1 1  ? -4.644  13.035  4.677   1.00 3.68  ? 1  DC  A C4    1 
ATOM   14  N N4    . DC  A 1 1  ? -5.613  12.457  3.969   1.00 3.19  ? 1  DC  A N4    1 
ATOM   15  C C5    . DC  A 1 1  ? -3.691  13.873  4.029   1.00 3.66  ? 1  DC  A C5    1 
ATOM   16  C C6    . DC  A 1 1  ? -2.688  14.347  4.770   1.00 3.36  ? 1  DC  A C6    1 
ATOM   17  P P     . DC  A 1 2  ? 2.449   14.307  8.732   1.00 4.67  ? 2  DC  A P     1 
ATOM   18  O OP1   . DC  A 1 2  ? 2.256   15.017  10.026  1.00 2.78  ? 2  DC  A OP1   1 
ATOM   19  O OP2   . DC  A 1 2  ? 3.809   14.223  8.134   1.00 4.51  ? 2  DC  A OP2   1 
ATOM   20  O "O5'" . DC  A 1 2  ? 1.834   12.829  8.799   1.00 5.01  ? 2  DC  A "O5'" 1 
ATOM   21  C "C5'" . DC  A 1 2  ? 0.723   12.515  9.652   1.00 6.98  ? 2  DC  A "C5'" 1 
ATOM   22  C "C4'" . DC  A 1 2  ? 0.269   11.055  9.500   1.00 7.43  ? 2  DC  A "C4'" 1 
ATOM   23  O "O4'" . DC  A 1 2  ? -0.931  10.783  8.724   1.00 7.41  ? 2  DC  A "O4'" 1 
ATOM   24  C "C3'" . DC  A 1 2  ? 1.327   10.044  9.038   1.00 8.22  ? 2  DC  A "C3'" 1 
ATOM   25  O "O3'" . DC  A 1 2  ? 1.216   8.858   9.847   1.00 10.16 ? 2  DC  A "O3'" 1 
ATOM   26  C "C2'" . DC  A 1 2  ? 0.762   9.536   7.720   1.00 7.24  ? 2  DC  A "C2'" 1 
ATOM   27  C "C1'" . DC  A 1 2  ? -0.742  9.599   7.965   1.00 6.62  ? 2  DC  A "C1'" 1 
ATOM   28  N N1    . DC  A 1 2  ? -1.586  9.694   6.754   1.00 5.48  ? 2  DC  A N1    1 
ATOM   29  C C2    . DC  A 1 2  ? -2.728  8.869   6.631   1.00 4.95  ? 2  DC  A C2    1 
ATOM   30  O O2    . DC  A 1 2  ? -2.966  8.019   7.503   1.00 4.36  ? 2  DC  A O2    1 
ATOM   31  N N3    . DC  A 1 2  ? -3.530  9.017   5.551   1.00 5.23  ? 2  DC  A N3    1 
ATOM   32  C C4    . DC  A 1 2  ? -3.225  9.909   4.610   1.00 5.34  ? 2  DC  A C4    1 
ATOM   33  N N4    . DC  A 1 2  ? -4.057  10.030  3.567   1.00 5.49  ? 2  DC  A N4    1 
ATOM   34  C C5    . DC  A 1 2  ? -2.059  10.721  4.690   1.00 4.87  ? 2  DC  A C5    1 
ATOM   35  C C6    . DC  A 1 2  ? -1.279  10.586  5.765   1.00 5.50  ? 2  DC  A C6    1 
ATOM   36  P P     . DG  A 1 3  ? 2.517   7.959   10.156  1.00 12.17 ? 3  DG  A P     1 
ATOM   37  O OP1   . DG  A 1 3  ? 3.342   8.674   11.168  1.00 12.17 ? 3  DG  A OP1   1 
ATOM   38  O OP2   . DG  A 1 3  ? 3.148   7.538   8.880   1.00 12.84 ? 3  DG  A OP2   1 
ATOM   39  O "O5'" . DG  A 1 3  ? 1.925   6.648   10.851  1.00 11.69 ? 3  DG  A "O5'" 1 
ATOM   40  C "C5'" . DG  A 1 3  ? 0.973   6.732   11.913  1.00 13.24 ? 3  DG  A "C5'" 1 
ATOM   41  C "C4'" . DG  A 1 3  ? -0.349  5.853   11.589  1.00 13.94 ? 3  DG  A "C4'" 1 
ATOM   42  O "O4'" . DG  A 1 3  ? -1.071  6.175   10.381  1.00 14.11 ? 3  DG  A "O4'" 1 
ATOM   43  C "C3'" . DG  A 1 3  ? 0.017   4.376   11.463  1.00 14.51 ? 3  DG  A "C3'" 1 
ATOM   44  O "O3'" . DG  A 1 3  ? -1.154  3.658   11.880  1.00 14.87 ? 3  DG  A "O3'" 1 
ATOM   45  C "C2'" . DG  A 1 3  ? 0.090   4.173   9.962   1.00 14.43 ? 3  DG  A "C2'" 1 
ATOM   46  C "C1'" . DG  A 1 3  ? -1.003  5.100   9.449   1.00 14.28 ? 3  DG  A "C1'" 1 
ATOM   47  N N9    . DG  A 1 3  ? -0.729  5.680   8.139   1.00 14.09 ? 3  DG  A N9    1 
ATOM   48  C C8    . DG  A 1 3  ? 0.417   6.334   7.768   1.00 13.76 ? 3  DG  A C8    1 
ATOM   49  N N7    . DG  A 1 3  ? 0.379   6.792   6.548   1.00 13.94 ? 3  DG  A N7    1 
ATOM   50  C C5    . DG  A 1 3  ? -0.866  6.409   6.076   1.00 13.67 ? 3  DG  A C5    1 
ATOM   51  C C6    . DG  A 1 3  ? -1.469  6.629   4.815   1.00 13.92 ? 3  DG  A C6    1 
ATOM   52  O O6    . DG  A 1 3  ? -1.015  7.239   3.843   1.00 14.09 ? 3  DG  A O6    1 
ATOM   53  N N1    . DG  A 1 3  ? -2.732  6.054   4.748   1.00 13.62 ? 3  DG  A N1    1 
ATOM   54  C C2    . DG  A 1 3  ? -3.340  5.361   5.766   1.00 13.69 ? 3  DG  A C2    1 
ATOM   55  N N2    . DG  A 1 3  ? -4.556  4.869   5.497   1.00 13.58 ? 3  DG  A N2    1 
ATOM   56  N N3    . DG  A 1 3  ? -2.794  5.163   6.955   1.00 13.94 ? 3  DG  A N3    1 
ATOM   57  C C4    . DG  A 1 3  ? -1.562  5.709   7.039   1.00 14.00 ? 3  DG  A C4    1 
ATOM   58  P P     . DA  A 1 4  ? -1.003  2.233   12.614  1.00 14.70 ? 4  DA  A P     1 
ATOM   59  O OP1   . DA  A 1 4  ? -2.088  2.141   13.629  1.00 13.46 ? 4  DA  A OP1   1 
ATOM   60  O OP2   . DA  A 1 4  ? 0.406   2.124   13.049  1.00 14.39 ? 4  DA  A OP2   1 
ATOM   61  O "O5'" . DA  A 1 4  ? -1.312  1.155   11.474  1.00 14.91 ? 4  DA  A "O5'" 1 
ATOM   62  C "C5'" . DA  A 1 4  ? -2.532  0.406   11.505  1.00 13.87 ? 4  DA  A "C5'" 1 
ATOM   63  C "C4'" . DA  A 1 4  ? -2.843  -0.215  10.158  1.00 14.00 ? 4  DA  A "C4'" 1 
ATOM   64  O "O4'" . DA  A 1 4  ? -2.800  0.794   9.117   1.00 13.53 ? 4  DA  A "O4'" 1 
ATOM   65  C "C3'" . DA  A 1 4  ? -1.944  -1.361  9.672   1.00 13.71 ? 4  DA  A "C3'" 1 
ATOM   66  O "O3'" . DA  A 1 4  ? -2.754  -2.372  9.052   1.00 14.41 ? 4  DA  A "O3'" 1 
ATOM   67  C "C2'" . DA  A 1 4  ? -1.100  -0.705  8.596   1.00 13.41 ? 4  DA  A "C2'" 1 
ATOM   68  C "C1'" . DA  A 1 4  ? -2.091  0.274   8.005   1.00 12.15 ? 4  DA  A "C1'" 1 
ATOM   69  N N9    . DA  A 1 4  ? -1.469  1.379   7.278   1.00 11.49 ? 4  DA  A N9    1 
ATOM   70  C C8    . DA  A 1 4  ? -0.460  2.209   7.691   1.00 10.90 ? 4  DA  A C8    1 
ATOM   71  N N7    . DA  A 1 4  ? -0.077  3.074   6.779   1.00 10.69 ? 4  DA  A N7    1 
ATOM   72  C C5    . DA  A 1 4  ? -0.901  2.799   5.696   1.00 10.29 ? 4  DA  A C5    1 
ATOM   73  C C6    . DA  A 1 4  ? -0.995  3.360   4.415   1.00 10.05 ? 4  DA  A C6    1 
ATOM   74  N N6    . DA  A 1 4  ? -0.218  4.355   3.983   1.00 11.63 ? 4  DA  A N6    1 
ATOM   75  N N1    . DA  A 1 4  ? -1.929  2.860   3.576   1.00 9.47  ? 4  DA  A N1    1 
ATOM   76  C C2    . DA  A 1 4  ? -2.708  1.862   4.007   1.00 9.58  ? 4  DA  A C2    1 
ATOM   77  N N3    . DA  A 1 4  ? -2.713  1.247   5.185   1.00 10.03 ? 4  DA  A N3    1 
ATOM   78  C C4    . DA  A 1 4  ? -1.772  1.768   5.994   1.00 10.46 ? 4  DA  A C4    1 
ATOM   79  P P     . DG  A 1 5  ? -2.151  -3.843  8.779   1.00 12.68 ? 5  DG  A P     1 
ATOM   80  O OP1   . DG  A 1 5  ? -2.704  -4.753  9.811   1.00 13.41 ? 5  DG  A OP1   1 
ATOM   81  O OP2   . DG  A 1 5  ? -0.682  -3.735  8.609   1.00 14.40 ? 5  DG  A OP2   1 
ATOM   82  O "O5'" . DG  A 1 5  ? -2.797  -4.253  7.375   1.00 13.75 ? 5  DG  A "O5'" 1 
ATOM   83  C "C5'" . DG  A 1 5  ? -4.215  -4.254  7.209   1.00 13.74 ? 5  DG  A "C5'" 1 
ATOM   84  C "C4'" . DG  A 1 5  ? -4.610  -3.715  5.850   1.00 14.67 ? 5  DG  A "C4'" 1 
ATOM   85  O "O4'" . DG  A 1 5  ? -3.791  -2.573  5.496   1.00 14.83 ? 5  DG  A "O4'" 1 
ATOM   86  C "C3'" . DG  A 1 5  ? -4.525  -4.665  4.651   1.00 14.71 ? 5  DG  A "C3'" 1 
ATOM   87  O "O3'" . DG  A 1 5  ? -5.621  -4.355  3.775   1.00 14.23 ? 5  DG  A "O3'" 1 
ATOM   88  C "C2'" . DG  A 1 5  ? -3.227  -4.254  3.986   1.00 15.40 ? 5  DG  A "C2'" 1 
ATOM   89  C "C1'" . DG  A 1 5  ? -3.293  -2.757  4.178   1.00 15.70 ? 5  DG  A "C1'" 1 
ATOM   90  N N9    . DG  A 1 5  ? -2.019  -2.058  4.054   1.00 16.49 ? 5  DG  A N9    1 
ATOM   91  C C8    . DG  A 1 5  ? -0.949  -2.113  4.916   1.00 16.81 ? 5  DG  A C8    1 
ATOM   92  N N7    . DG  A 1 5  ? 0.057   -1.376  4.529   1.00 17.07 ? 5  DG  A N7    1 
ATOM   93  C C5    . DG  A 1 5  ? -0.375  -0.799  3.340   1.00 17.04 ? 5  DG  A C5    1 
ATOM   94  C C6    . DG  A 1 5  ? 0.286   0.101   2.461   1.00 16.94 ? 5  DG  A C6    1 
ATOM   95  O O6    . DG  A 1 5  ? 1.422   0.579   2.556   1.00 16.69 ? 5  DG  A O6    1 
ATOM   96  N N1    . DG  A 1 5  ? -0.517  0.437   1.377   1.00 16.99 ? 5  DG  A N1    1 
ATOM   97  C C2    . DG  A 1 5  ? -1.789  -0.033  1.160   1.00 17.15 ? 5  DG  A C2    1 
ATOM   98  N N2    . DG  A 1 5  ? -2.395  0.404   0.047   1.00 17.00 ? 5  DG  A N2    1 
ATOM   99  N N3    . DG  A 1 5  ? -2.415  -0.871  1.971   1.00 16.91 ? 5  DG  A N3    1 
ATOM   100 C C4    . DG  A 1 5  ? -1.654  -1.209  3.035   1.00 16.85 ? 5  DG  A C4    1 
ATOM   101 P P     . DC  A 1 6  ? -5.697  -4.999  2.298   1.00 14.12 ? 6  DC  A P     1 
ATOM   102 O OP1   . DC  A 1 6  ? -7.118  -5.353  2.069   1.00 14.24 ? 6  DC  A OP1   1 
ATOM   103 O OP2   . DC  A 1 6  ? -4.647  -6.037  2.141   1.00 13.75 ? 6  DC  A OP2   1 
ATOM   104 O "O5'" . DC  A 1 6  ? -5.386  -3.793  1.303   1.00 12.27 ? 6  DC  A "O5'" 1 
ATOM   105 C "C5'" . DC  A 1 6  ? -6.405  -3.277  0.435   1.00 11.85 ? 6  DC  A "C5'" 1 
ATOM   106 C "C4'" . DC  A 1 6  ? -6.056  -3.539  -1.015  1.00 10.57 ? 6  DC  A "C4'" 1 
ATOM   107 O "O4'" . DC  A 1 6  ? -4.772  -2.944  -1.292  1.00 9.37  ? 6  DC  A "O4'" 1 
ATOM   108 C "C3'" . DC  A 1 6  ? -5.925  -5.008  -1.423  1.00 11.09 ? 6  DC  A "C3'" 1 
ATOM   109 O "O3'" . DC  A 1 6  ? -6.302  -5.188  -2.801  1.00 12.08 ? 6  DC  A "O3'" 1 
ATOM   110 C "C2'" . DC  A 1 6  ? -4.444  -5.279  -1.258  1.00 9.81  ? 6  DC  A "C2'" 1 
ATOM   111 C "C1'" . DC  A 1 6  ? -3.825  -3.948  -1.643  1.00 8.81  ? 6  DC  A "C1'" 1 
ATOM   112 N N1    . DC  A 1 6  ? -2.579  -3.639  -0.930  1.00 8.16  ? 6  DC  A N1    1 
ATOM   113 C C2    . DC  A 1 6  ? -1.724  -2.691  -1.476  1.00 7.30  ? 6  DC  A C2    1 
ATOM   114 O O2    . DC  A 1 6  ? -2.009  -2.199  -2.577  1.00 6.59  ? 6  DC  A O2    1 
ATOM   115 N N3    . DC  A 1 6  ? -0.603  -2.343  -0.799  1.00 7.13  ? 6  DC  A N3    1 
ATOM   116 C C4    . DC  A 1 6  ? -0.320  -2.933  0.366   1.00 6.89  ? 6  DC  A C4    1 
ATOM   117 N N4    . DC  A 1 6  ? 0.788   -2.554  1.008   1.00 6.21  ? 6  DC  A N4    1 
ATOM   118 C C5    . DC  A 1 6  ? -1.161  -3.934  0.927   1.00 7.18  ? 6  DC  A C5    1 
ATOM   119 C C6    . DC  A 1 6  ? -2.271  -4.253  0.252   1.00 7.73  ? 6  DC  A C6    1 
ATOM   120 P P     . DT  A 1 7  ? -6.281  -6.663  -3.450  1.00 12.64 ? 7  DT  A P     1 
ATOM   121 O OP1   . DT  A 1 7  ? -7.577  -6.926  -4.123  1.00 11.95 ? 7  DT  A OP1   1 
ATOM   122 O OP2   . DT  A 1 7  ? -5.800  -7.585  -2.386  1.00 12.60 ? 7  DT  A OP2   1 
ATOM   123 O "O5'" . DT  A 1 7  ? -5.176  -6.571  -4.590  1.00 11.64 ? 7  DT  A "O5'" 1 
ATOM   124 C "C5'" . DT  A 1 7  ? -3.962  -5.870  -4.354  1.00 11.67 ? 7  DT  A "C5'" 1 
ATOM   125 C "C4'" . DT  A 1 7  ? -3.614  -5.126  -5.548  1.00 11.35 ? 7  DT  A "C4'" 1 
ATOM   126 O "O4'" . DT  A 1 7  ? -2.539  -4.316  -5.039  1.00 11.30 ? 7  DT  A "O4'" 1 
ATOM   127 C "C3'" . DT  A 1 7  ? -3.011  -5.890  -6.716  1.00 11.58 ? 7  DT  A "C3'" 1 
ATOM   128 O "O3'" . DT  A 1 7  ? -3.211  -5.198  -7.952  1.00 12.65 ? 7  DT  A "O3'" 1 
ATOM   129 C "C2'" . DT  A 1 7  ? -1.573  -6.082  -6.283  1.00 11.61 ? 7  DT  A "C2'" 1 
ATOM   130 C "C1'" . DT  A 1 7  ? -1.284  -4.835  -5.462  1.00 10.26 ? 7  DT  A "C1'" 1 
ATOM   131 N N1    . DT  A 1 7  ? -0.512  -5.129  -4.250  1.00 8.87  ? 7  DT  A N1    1 
ATOM   132 C C2    . DT  A 1 7  ? 0.508   -4.283  -3.895  1.00 8.76  ? 7  DT  A C2    1 
ATOM   133 O O2    . DT  A 1 7  ? 0.804   -3.285  -4.536  1.00 8.69  ? 7  DT  A O2    1 
ATOM   134 N N3    . DT  A 1 7  ? 1.170   -4.641  -2.750  1.00 8.53  ? 7  DT  A N3    1 
ATOM   135 C C4    . DT  A 1 7  ? 0.912   -5.737  -1.942  1.00 8.35  ? 7  DT  A C4    1 
ATOM   136 O O4    . DT  A 1 7  ? 1.592   -5.934  -0.941  1.00 6.91  ? 7  DT  A O4    1 
ATOM   137 C C5    . DT  A 1 7  ? -0.174  -6.575  -2.371  1.00 8.41  ? 7  DT  A C5    1 
ATOM   138 C C7    . DT  A 1 7  ? -0.532  -7.774  -1.553  1.00 8.15  ? 7  DT  A C7    1 
ATOM   139 C C6    . DT  A 1 7  ? -0.821  -6.239  -3.491  1.00 8.47  ? 7  DT  A C6    1 
ATOM   140 P P     . DC  A 1 8  ? -2.480  -5.720  -9.282  1.00 12.52 ? 8  DC  A P     1 
ATOM   141 O OP1   . DC  A 1 8  ? -2.818  -4.781  -10.386 1.00 12.44 ? 8  DC  A OP1   1 
ATOM   142 O OP2   . DC  A 1 8  ? -2.742  -7.168  -9.440  1.00 12.52 ? 8  DC  A OP2   1 
ATOM   143 O "O5'" . DC  A 1 8  ? -0.941  -5.553  -8.936  1.00 11.57 ? 8  DC  A "O5'" 1 
ATOM   144 C "C5'" . DC  A 1 8  ? -0.260  -4.335  -9.177  1.00 11.18 ? 8  DC  A "C5'" 1 
ATOM   145 C "C4'" . DC  A 1 8  ? 1.246   -4.503  -9.502  1.00 11.35 ? 8  DC  A "C4'" 1 
ATOM   146 O "O4'" . DC  A 1 8  ? 1.888   -4.814  -8.237  1.00 10.93 ? 8  DC  A "O4'" 1 
ATOM   147 C "C3'" . DC  A 1 8  ? 1.484   -5.707  -10.416 1.00 11.81 ? 8  DC  A "C3'" 1 
ATOM   148 O "O3'" . DC  A 1 8  ? 2.615   -5.342  -11.213 1.00 12.73 ? 8  DC  A "O3'" 1 
ATOM   149 C "C2'" . DC  A 1 8  ? 1.832   -6.829  -9.452  1.00 11.06 ? 8  DC  A "C2'" 1 
ATOM   150 C "C1'" . DC  A 1 8  ? 2.477   -6.107  -8.276  1.00 10.08 ? 8  DC  A "C1'" 1 
ATOM   151 N N1    . DC  A 1 8  ? 2.255   -6.753  -6.962  1.00 9.37  ? 8  DC  A N1    1 
ATOM   152 C C2    . DC  A 1 8  ? 3.054   -6.368  -5.868  1.00 9.25  ? 8  DC  A C2    1 
ATOM   153 O O2    . DC  A 1 8  ? 3.907   -5.485  -6.028  1.00 9.28  ? 8  DC  A O2    1 
ATOM   154 N N3    . DC  A 1 8  ? 2.868   -6.970  -4.666  1.00 8.93  ? 8  DC  A N3    1 
ATOM   155 C C4    . DC  A 1 8  ? 1.931   -7.909  -4.527  1.00 8.65  ? 8  DC  A C4    1 
ATOM   156 N N4    . DC  A 1 8  ? 1.783   -8.473  -3.326  1.00 8.94  ? 8  DC  A N4    1 
ATOM   157 C C5    . DC  A 1 8  ? 1.102   -8.313  -5.617  1.00 8.86  ? 8  DC  A C5    1 
ATOM   158 C C6    . DC  A 1 8  ? 1.294   -7.715  -6.804  1.00 9.54  ? 8  DC  A C6    1 
ATOM   159 P P     . DG  A 1 9  ? 3.227   -6.382  -12.278 1.00 14.37 ? 9  DG  A P     1 
ATOM   160 O OP1   . DG  A 1 9  ? 2.709   -6.066  -13.638 1.00 14.25 ? 9  DG  A OP1   1 
ATOM   161 O OP2   . DG  A 1 9  ? 3.062   -7.754  -11.736 1.00 14.23 ? 9  DG  A OP2   1 
ATOM   162 O "O5'" . DG  A 1 9  ? 4.774   -6.007  -12.257 1.00 13.89 ? 9  DG  A "O5'" 1 
ATOM   163 C "C5'" . DG  A 1 9  ? 5.185   -4.669  -11.970 1.00 14.09 ? 9  DG  A "C5'" 1 
ATOM   164 C "C4'" . DG  A 1 9  ? 6.563   -4.656  -11.349 1.00 13.54 ? 9  DG  A "C4'" 1 
ATOM   165 O "O4'" . DG  A 1 9  ? 6.516   -5.308  -10.057 1.00 13.08 ? 9  DG  A "O4'" 1 
ATOM   166 C "C3'" . DG  A 1 9  ? 7.639   -5.377  -12.154 1.00 13.03 ? 9  DG  A "C3'" 1 
ATOM   167 O "O3'" . DG  A 1 9  ? 8.871   -4.643  -12.101 1.00 12.85 ? 9  DG  A "O3'" 1 
ATOM   168 C "C2'" . DG  A 1 9  ? 7.731   -6.745  -11.489 1.00 13.21 ? 9  DG  A "C2'" 1 
ATOM   169 C "C1'" . DG  A 1 9  ? 7.294   -6.498  -10.047 1.00 12.68 ? 9  DG  A "C1'" 1 
ATOM   170 N N9    . DG  A 1 9  ? 6.450   -7.551  -9.481  1.00 12.95 ? 9  DG  A N9    1 
ATOM   171 C C8    . DG  A 1 9  ? 5.387   -8.166  -10.092 1.00 12.63 ? 9  DG  A C8    1 
ATOM   172 N N7    . DG  A 1 9  ? 4.782   -9.034  -9.327  1.00 12.86 ? 9  DG  A N7    1 
ATOM   173 C C5    . DG  A 1 9  ? 5.495   -9.000  -8.140  1.00 12.97 ? 9  DG  A C5    1 
ATOM   174 C C6    . DG  A 1 9  ? 5.302   -9.714  -6.941  1.00 12.33 ? 9  DG  A C6    1 
ATOM   175 O O6    . DG  A 1 9  ? 4.414   -10.538 -6.660  1.00 12.28 ? 9  DG  A O6    1 
ATOM   176 N N1    . DG  A 1 9  ? 6.269   -9.387  -5.998  1.00 12.54 ? 9  DG  A N1    1 
ATOM   177 C C2    . DG  A 1 9  ? 7.284   -8.483  -6.179  1.00 12.73 ? 9  DG  A C2    1 
ATOM   178 N N2    . DG  A 1 9  ? 8.128   -8.311  -5.155  1.00 12.94 ? 9  DG  A N2    1 
ATOM   179 N N3    . DG  A 1 9  ? 7.461   -7.794  -7.285  1.00 12.70 ? 9  DG  A N3    1 
ATOM   180 C C4    . DG  A 1 9  ? 6.540   -8.100  -8.220  1.00 12.56 ? 9  DG  A C4    1 
ATOM   181 P P     . DG  A 1 10 ? 10.095  -5.066  -13.055 1.00 12.81 ? 10 DG  A P     1 
ATOM   182 O OP1   . DG  A 1 10 ? 11.236  -4.160  -12.752 1.00 11.93 ? 10 DG  A OP1   1 
ATOM   183 O OP2   . DG  A 1 10 ? 9.598   -5.168  -14.452 1.00 11.99 ? 10 DG  A OP2   1 
ATOM   184 O "O5'" . DG  A 1 10 ? 10.495  -6.507  -12.505 1.00 12.32 ? 10 DG  A "O5'" 1 
ATOM   185 C "C5'" . DG  A 1 10 ? 11.277  -6.613  -11.312 1.00 12.83 ? 10 DG  A "C5'" 1 
ATOM   186 C "C4'" . DG  A 1 10 ? 11.609  -8.058  -10.999 1.00 11.95 ? 10 DG  A "C4'" 1 
ATOM   187 O "O4'" . DG  A 1 10 ? 10.462  -8.801  -10.512 1.00 13.23 ? 10 DG  A "O4'" 1 
ATOM   188 C "C3'" . DG  A 1 10 ? 12.204  -8.890  -12.145 1.00 12.41 ? 10 DG  A "C3'" 1 
ATOM   189 O "O3'" . DG  A 1 10 ? 13.485  -9.365  -11.753 1.00 12.02 ? 10 DG  A "O3'" 1 
ATOM   190 C "C2'" . DG  A 1 10 ? 11.179  -9.994  -12.426 1.00 11.56 ? 10 DG  A "C2'" 1 
ATOM   191 C "C1'" . DG  A 1 10 ? 10.452  -10.075 -11.123 1.00 11.37 ? 10 DG  A "C1'" 1 
ATOM   192 N N9    . DG  A 1 10 ? 9.177   -10.710 -10.881 1.00 10.61 ? 10 DG  A N9    1 
ATOM   193 C C8    . DG  A 1 10 ? 8.211   -10.985 -11.774 1.00 10.20 ? 10 DG  A C8    1 
ATOM   194 N N7    . DG  A 1 10 ? 7.179   -11.570 -11.255 1.00 10.70 ? 10 DG  A N7    1 
ATOM   195 C C5    . DG  A 1 10 ? 7.533   -11.676 -9.911  1.00 9.84  ? 10 DG  A C5    1 
ATOM   196 C C6    . DG  A 1 10 ? 6.894   -12.230 -8.758  1.00 9.99  ? 10 DG  A C6    1 
ATOM   197 O O6    . DG  A 1 10 ? 5.804   -12.797 -8.671  1.00 9.49  ? 10 DG  A O6    1 
ATOM   198 N N1    . DG  A 1 10 ? 7.687   -12.072 -7.616  1.00 9.56  ? 10 DG  A N1    1 
ATOM   199 C C2    . DG  A 1 10 ? 8.920   -11.469 -7.574  1.00 9.67  ? 10 DG  A C2    1 
ATOM   200 N N2    . DG  A 1 10 ? 9.531   -11.386 -6.396  1.00 9.36  ? 10 DG  A N2    1 
ATOM   201 N N3    . DG  A 1 10 ? 9.502   -10.986 -8.600  1.00 10.09 ? 10 DG  A N3    1 
ATOM   202 C C4    . DG  A 1 10 ? 8.777   -11.124 -9.700  1.00 10.46 ? 10 DG  A C4    1 
ATOM   203 O "O5'" . DC  B 1 1  ? 6.810   -16.547 0.607   1.00 20.06 ? 11 DC  B "O5'" 1 
ATOM   204 C "C5'" . DC  B 1 1  ? 8.022   -16.675 1.349   1.00 20.52 ? 11 DC  B "C5'" 1 
ATOM   205 C "C4'" . DC  B 1 1  ? 9.136   -16.222 0.443   1.00 20.60 ? 11 DC  B "C4'" 1 
ATOM   206 O "O4'" . DC  B 1 1  ? 8.624   -16.136 -0.908  1.00 20.65 ? 11 DC  B "O4'" 1 
ATOM   207 C "C3'" . DC  B 1 1  ? 9.631   -14.815 0.779   1.00 20.96 ? 11 DC  B "C3'" 1 
ATOM   208 O "O3'" . DC  B 1 1  ? 11.013  -14.782 0.411   1.00 20.60 ? 11 DC  B "O3'" 1 
ATOM   209 C "C2'" . DC  B 1 1  ? 8.805   -13.940 -0.153  1.00 20.85 ? 11 DC  B "C2'" 1 
ATOM   210 C "C1'" . DC  B 1 1  ? 8.791   -14.808 -1.376  1.00 20.67 ? 11 DC  B "C1'" 1 
ATOM   211 N N1    . DC  B 1 1  ? 7.751   -14.538 -2.374  1.00 20.84 ? 11 DC  B N1    1 
ATOM   212 C C2    . DC  B 1 1  ? 8.134   -13.942 -3.573  1.00 20.75 ? 11 DC  B C2    1 
ATOM   213 O O2    . DC  B 1 1  ? 9.307   -13.563 -3.699  1.00 20.74 ? 11 DC  B O2    1 
ATOM   214 N N3    . DC  B 1 1  ? 7.222   -13.785 -4.559  1.00 20.92 ? 11 DC  B N3    1 
ATOM   215 C C4    . DC  B 1 1  ? 5.961   -14.174 -4.364  1.00 21.05 ? 11 DC  B C4    1 
ATOM   216 N N4    . DC  B 1 1  ? 5.103   -14.040 -5.379  1.00 21.03 ? 11 DC  B N4    1 
ATOM   217 C C5    . DC  B 1 1  ? 5.526   -14.730 -3.124  1.00 20.87 ? 11 DC  B C5    1 
ATOM   218 C C6    . DC  B 1 1  ? 6.447   -14.892 -2.164  1.00 20.77 ? 11 DC  B C6    1 
ATOM   219 P P     . DC  B 1 2  ? 12.085  -13.945 1.278   1.00 21.40 ? 12 DC  B P     1 
ATOM   220 O OP1   . DC  B 1 2  ? 13.414  -14.306 0.712   1.00 20.71 ? 12 DC  B OP1   1 
ATOM   221 O OP2   . DC  B 1 2  ? 11.804  -14.173 2.711   1.00 21.23 ? 12 DC  B OP2   1 
ATOM   222 O "O5'" . DC  B 1 2  ? 11.755  -12.437 0.909   1.00 20.02 ? 12 DC  B "O5'" 1 
ATOM   223 C "C5'" . DC  B 1 2  ? 11.113  -12.150 -0.322  1.00 19.46 ? 12 DC  B "C5'" 1 
ATOM   224 C "C4'" . DC  B 1 2  ? 11.104  -10.662 -0.561  1.00 18.95 ? 12 DC  B "C4'" 1 
ATOM   225 O "O4'" . DC  B 1 2  ? 10.191  -10.385 -1.632  1.00 18.82 ? 12 DC  B "O4'" 1 
ATOM   226 C "C3'" . DC  B 1 2  ? 10.575  -9.855  0.619   1.00 18.90 ? 12 DC  B "C3'" 1 
ATOM   227 O "O3'" . DC  B 1 2  ? 11.214  -8.579  0.629   1.00 19.12 ? 12 DC  B "O3'" 1 
ATOM   228 C "C2'" . DC  B 1 2  ? 9.078   -9.730  0.356   1.00 18.31 ? 12 DC  B "C2'" 1 
ATOM   229 C "C1'" . DC  B 1 2  ? 9.078   -9.647  -1.153  1.00 17.85 ? 12 DC  B "C1'" 1 
ATOM   230 N N1    . DC  B 1 2  ? 7.918   -10.032 -1.959  1.00 16.96 ? 12 DC  B N1    1 
ATOM   231 C C2    . DC  B 1 2  ? 8.073   -10.064 -3.275  1.00 16.65 ? 12 DC  B C2    1 
ATOM   232 O O2    . DC  B 1 2  ? 9.199   -9.876  -3.714  1.00 16.59 ? 12 DC  B O2    1 
ATOM   233 N N3    . DC  B 1 2  ? 7.033   -10.350 -4.068  1.00 16.93 ? 12 DC  B N3    1 
ATOM   234 C C4    . DC  B 1 2  ? 5.835   -10.594 -3.546  1.00 16.18 ? 12 DC  B C4    1 
ATOM   235 N N4    . DC  B 1 2  ? 4.835   -10.733 -4.413  1.00 16.69 ? 12 DC  B N4    1 
ATOM   236 C C5    . DC  B 1 2  ? 5.644   -10.649 -2.141  1.00 16.72 ? 12 DC  B C5    1 
ATOM   237 C C6    . DC  B 1 2  ? 6.726   -10.348 -1.390  1.00 16.61 ? 12 DC  B C6    1 
ATOM   238 P P     . DG  B 1 3  ? 11.294  -7.739  1.993   1.00 19.23 ? 13 DG  B P     1 
ATOM   239 O OP1   . DG  B 1 3  ? 12.462  -8.237  2.759   1.00 19.91 ? 13 DG  B OP1   1 
ATOM   240 O OP2   . DG  B 1 3  ? 9.951   -7.710  2.635   1.00 19.91 ? 13 DG  B OP2   1 
ATOM   241 O "O5'" . DG  B 1 3  ? 11.625  -6.266  1.496   1.00 19.99 ? 13 DG  B "O5'" 1 
ATOM   242 C "C5'" . DG  B 1 3  ? 12.499  -6.046  0.393   1.00 20.68 ? 13 DG  B "C5'" 1 
ATOM   243 C "C4'" . DG  B 1 3  ? 11.895  -5.029  -0.546  1.00 20.58 ? 13 DG  B "C4'" 1 
ATOM   244 O "O4'" . DG  B 1 3  ? 10.678  -5.582  -1.101  1.00 20.83 ? 13 DG  B "O4'" 1 
ATOM   245 C "C3'" . DG  B 1 3  ? 11.485  -3.716  0.127   1.00 20.67 ? 13 DG  B "C3'" 1 
ATOM   246 O "O3'" . DG  B 1 3  ? 11.659  -2.622  -0.780  1.00 20.86 ? 13 DG  B "O3'" 1 
ATOM   247 C "C2'" . DG  B 1 3  ? 10.011  -3.925  0.413   1.00 20.93 ? 13 DG  B "C2'" 1 
ATOM   248 C "C1'" . DG  B 1 3  ? 9.587   -4.727  -0.799  1.00 20.75 ? 13 DG  B "C1'" 1 
ATOM   249 N N9    . DG  B 1 3  ? 8.398   -5.552  -0.610  1.00 20.95 ? 13 DG  B N9    1 
ATOM   250 C C8    . DG  B 1 3  ? 7.922   -6.087  0.563   1.00 20.98 ? 13 DG  B C8    1 
ATOM   251 N N7    . DG  B 1 3  ? 6.814   -6.760  0.405   1.00 20.98 ? 13 DG  B N7    1 
ATOM   252 C C5    . DG  B 1 3  ? 6.549   -6.668  -0.955  1.00 20.97 ? 13 DG  B C5    1 
ATOM   253 C C6    . DG  B 1 3  ? 5.479   -7.194  -1.721  1.00 20.92 ? 13 DG  B C6    1 
ATOM   254 O O6    . DG  B 1 3  ? 4.506   -7.850  -1.337  1.00 20.71 ? 13 DG  B O6    1 
ATOM   255 N N1    . DG  B 1 3  ? 5.613   -6.878  -3.070  1.00 21.38 ? 13 DG  B N1    1 
ATOM   256 C C2    . DG  B 1 3  ? 6.639   -6.141  -3.611  1.00 21.11 ? 13 DG  B C2    1 
ATOM   257 N N2    . DG  B 1 3  ? 6.604   -5.957  -4.938  1.00 21.31 ? 13 DG  B N2    1 
ATOM   258 N N3    . DG  B 1 3  ? 7.630   -5.627  -2.904  1.00 20.95 ? 13 DG  B N3    1 
ATOM   259 C C4    . DG  B 1 3  ? 7.523   -5.932  -1.595  1.00 21.02 ? 13 DG  B C4    1 
ATOM   260 P P     . DA  B 1 4  ? 11.854  -1.132  -0.209  1.00 20.65 ? 14 DA  B P     1 
ATOM   261 O OP1   . DA  B 1 4  ? 12.988  -0.536  -0.959  1.00 21.82 ? 14 DA  B OP1   1 
ATOM   262 O OP2   . DA  B 1 4  ? 11.921  -1.207  1.273   1.00 21.15 ? 14 DA  B OP2   1 
ATOM   263 O "O5'" . DA  B 1 4  ? 10.513  -0.370  -0.629  1.00 21.37 ? 14 DA  B "O5'" 1 
ATOM   264 C "C5'" . DA  B 1 4  ? 10.237  -0.077  -2.004  1.00 21.12 ? 14 DA  B "C5'" 1 
ATOM   265 C "C4'" . DA  B 1 4  ? 8.807   0.383   -2.186  1.00 20.96 ? 14 DA  B "C4'" 1 
ATOM   266 O "O4'" . DA  B 1 4  ? 7.832   -0.646  -1.897  1.00 20.72 ? 14 DA  B "O4'" 1 
ATOM   267 C "C3'" . DA  B 1 4  ? 8.369   1.602   -1.366  1.00 20.94 ? 14 DA  B "C3'" 1 
ATOM   268 O "O3'" . DA  B 1 4  ? 7.361   2.302   -2.153  1.00 20.78 ? 14 DA  B "O3'" 1 
ATOM   269 C "C2'" . DA  B 1 4  ? 7.603   0.966   -0.225  1.00 20.36 ? 14 DA  B "C2'" 1 
ATOM   270 C "C1'" . DA  B 1 4  ? 6.877   -0.127  -0.981  1.00 20.16 ? 14 DA  B "C1'" 1 
ATOM   271 N N9    . DA  B 1 4  ? 6.393   -1.230  -0.157  1.00 19.65 ? 14 DA  B N9    1 
ATOM   272 C C8    . DA  B 1 4  ? 6.868   -1.659  1.055   1.00 19.37 ? 14 DA  B C8    1 
ATOM   273 N N7    . DA  B 1 4  ? 6.212   -2.680  1.546   1.00 19.40 ? 14 DA  B N7    1 
ATOM   274 C C5    . DA  B 1 4  ? 5.237   -2.939  0.593   1.00 19.19 ? 14 DA  B C5    1 
ATOM   275 C C6    . DA  B 1 4  ? 4.217   -3.902  0.522   1.00 18.97 ? 14 DA  B C6    1 
ATOM   276 N N6    . DA  B 1 4  ? 3.997   -4.818  1.467   1.00 18.25 ? 14 DA  B N6    1 
ATOM   277 N N1    . DA  B 1 4  ? 3.418   -3.889  -0.567  1.00 18.98 ? 14 DA  B N1    1 
ATOM   278 C C2    . DA  B 1 4  ? 3.637   -2.967  -1.511  1.00 19.23 ? 14 DA  B C2    1 
ATOM   279 N N3    . DA  B 1 4  ? 4.561   -2.007  -1.557  1.00 19.39 ? 14 DA  B N3    1 
ATOM   280 C C4    . DA  B 1 4  ? 5.338   -2.053  -0.461  1.00 19.46 ? 14 DA  B C4    1 
ATOM   281 P P     . DG  B 1 5  ? 7.211   3.896   -2.048  1.00 20.90 ? 15 DG  B P     1 
ATOM   282 O OP1   . DG  B 1 5  ? 8.556   4.471   -2.263  1.00 19.94 ? 15 DG  B OP1   1 
ATOM   283 O OP2   . DG  B 1 5  ? 6.445   4.257   -0.827  1.00 20.46 ? 15 DG  B OP2   1 
ATOM   284 O "O5'" . DG  B 1 5  ? 6.293   4.235   -3.304  1.00 19.86 ? 15 DG  B "O5'" 1 
ATOM   285 C "C5'" . DG  B 1 5  ? 6.639   3.748   -4.595  1.00 19.94 ? 15 DG  B "C5'" 1 
ATOM   286 C "C4'" . DG  B 1 5  ? 5.410   3.600   -5.457  1.00 19.39 ? 15 DG  B "C4'" 1 
ATOM   287 O "O4'" . DG  B 1 5  ? 4.649   2.459   -5.013  1.00 19.07 ? 15 DG  B "O4'" 1 
ATOM   288 C "C3'" . DG  B 1 5  ? 4.455   4.785   -5.423  1.00 19.56 ? 15 DG  B "C3'" 1 
ATOM   289 O "O3'" . DG  B 1 5  ? 3.842   4.924   -6.701  1.00 19.21 ? 15 DG  B "O3'" 1 
ATOM   290 C "C2'" . DG  B 1 5  ? 3.435   4.370   -4.382  1.00 19.28 ? 15 DG  B "C2'" 1 
ATOM   291 C "C1'" . DG  B 1 5  ? 3.364   2.865   -4.570  1.00 18.95 ? 15 DG  B "C1'" 1 
ATOM   292 N N9    . DG  B 1 5  ? 3.094   2.150   -3.333  1.00 18.73 ? 15 DG  B N9    1 
ATOM   293 C C8    . DG  B 1 5  ? 3.823   2.223   -2.171  1.00 18.52 ? 15 DG  B C8    1 
ATOM   294 N N7    . DG  B 1 5  ? 3.346   1.470   -1.221  1.00 18.91 ? 15 DG  B N7    1 
ATOM   295 C C5    . DG  B 1 5  ? 2.235   0.864   -1.792  1.00 18.60 ? 15 DG  B C5    1 
ATOM   296 C C6    . DG  B 1 5  ? 1.316   -0.050  -1.243  1.00 18.46 ? 15 DG  B C6    1 
ATOM   297 O O6    . DG  B 1 5  ? 1.298   -0.527  -0.110  1.00 18.32 ? 15 DG  B O6    1 
ATOM   298 N N1    . DG  B 1 5  ? 0.335   -0.406  -2.163  1.00 18.40 ? 15 DG  B N1    1 
ATOM   299 C C2    . DG  B 1 5  ? 0.250   0.060   -3.447  1.00 18.22 ? 15 DG  B C2    1 
ATOM   300 N N2    . DG  B 1 5  ? -0.779  -0.397  -4.172  1.00 18.44 ? 15 DG  B N2    1 
ATOM   301 N N3    . DG  B 1 5  ? 1.109   0.914   -3.976  1.00 18.41 ? 15 DG  B N3    1 
ATOM   302 C C4    . DG  B 1 5  ? 2.068   1.274   -3.096  1.00 18.64 ? 15 DG  B C4    1 
ATOM   303 P P     . DC  B 1 6  ? 2.700   6.023   -6.919  1.00 19.36 ? 16 DC  B P     1 
ATOM   304 O OP1   . DC  B 1 6  ? 2.553   6.192   -8.386  1.00 19.68 ? 16 DC  B OP1   1 
ATOM   305 O OP2   . DC  B 1 6  ? 3.024   7.200   -6.071  1.00 19.04 ? 16 DC  B OP2   1 
ATOM   306 O "O5'" . DC  B 1 6  ? 1.394   5.312   -6.352  1.00 17.63 ? 16 DC  B "O5'" 1 
ATOM   307 C "C5'" . DC  B 1 6  ? 1.047   3.998   -6.785  1.00 14.40 ? 16 DC  B "C5'" 1 
ATOM   308 C "C4'" . DC  B 1 6  ? -0.227  3.536   -6.118  1.00 11.87 ? 16 DC  B "C4'" 1 
ATOM   309 O "O4'" . DC  B 1 6  ? 0.019   2.977   -4.802  1.00 10.42 ? 16 DC  B "O4'" 1 
ATOM   310 C "C3'" . DC  B 1 6  ? -1.296  4.613   -5.942  1.00 11.02 ? 16 DC  B "C3'" 1 
ATOM   311 O "O3'" . DC  B 1 6  ? -2.547  4.088   -6.379  1.00 12.20 ? 16 DC  B "O3'" 1 
ATOM   312 C "C2'" . DC  B 1 6  ? -1.294  4.874   -4.443  1.00 9.79  ? 16 DC  B "C2'" 1 
ATOM   313 C "C1'" . DC  B 1 6  ? -0.890  3.528   -3.861  1.00 7.53  ? 16 DC  B "C1'" 1 
ATOM   314 N N1    . DC  B 1 6  ? -0.206  3.599   -2.552  1.00 6.34  ? 16 DC  B N1    1 
ATOM   315 C C2    . DC  B 1 6  ? -0.478  2.624   -1.579  1.00 5.49  ? 16 DC  B C2    1 
ATOM   316 O O2    . DC  B 1 6  ? -1.311  1.742   -1.821  1.00 5.82  ? 16 DC  B O2    1 
ATOM   317 N N3    . DC  B 1 6  ? 0.176   2.671   -0.395  1.00 4.60  ? 16 DC  B N3    1 
ATOM   318 C C4    . DC  B 1 6  ? 1.064   3.637   -0.163  1.00 4.85  ? 16 DC  B C4    1 
ATOM   319 N N4    . DC  B 1 6  ? 1.715   3.625   1.003   1.00 3.51  ? 16 DC  B N4    1 
ATOM   320 C C5    . DC  B 1 6  ? 1.338   4.655   -1.122  1.00 4.92  ? 16 DC  B C5    1 
ATOM   321 C C6    . DC  B 1 6  ? 0.688   4.596   -2.291  1.00 5.33  ? 16 DC  B C6    1 
ATOM   322 P P     . DT  B 1 7  ? -3.792  5.072   -6.633  1.00 12.63 ? 17 DT  B P     1 
ATOM   323 O OP1   . DT  B 1 7  ? -4.314  4.775   -7.987  1.00 12.88 ? 17 DT  B OP1   1 
ATOM   324 O OP2   . DT  B 1 7  ? -3.409  6.468   -6.285  1.00 13.39 ? 17 DT  B OP2   1 
ATOM   325 O "O5'" . DT  B 1 7  ? -4.848  4.548   -5.563  1.00 12.89 ? 17 DT  B "O5'" 1 
ATOM   326 C "C5'" . DT  B 1 7  ? -4.396  4.048   -4.306  1.00 11.85 ? 17 DT  B "C5'" 1 
ATOM   327 C "C4'" . DT  B 1 7  ? -5.425  3.135   -3.684  1.00 11.69 ? 17 DT  B "C4'" 1 
ATOM   328 O "O4'" . DT  B 1 7  ? -4.878  2.633   -2.448  1.00 11.61 ? 17 DT  B "O4'" 1 
ATOM   329 C "C3'" . DT  B 1 7  ? -6.719  3.830   -3.284  1.00 11.97 ? 17 DT  B "C3'" 1 
ATOM   330 O "O3'" . DT  B 1 7  ? -7.773  2.865   -3.204  1.00 12.43 ? 17 DT  B "O3'" 1 
ATOM   331 C "C2'" . DT  B 1 7  ? -6.390  4.362   -1.904  1.00 11.00 ? 17 DT  B "C2'" 1 
ATOM   332 C "C1'" . DT  B 1 7  ? -5.515  3.254   -1.337  1.00 10.85 ? 17 DT  B "C1'" 1 
ATOM   333 N N1    . DT  B 1 7  ? -4.452  3.757   -0.471  1.00 10.49 ? 17 DT  B N1    1 
ATOM   334 C C2    . DT  B 1 7  ? -4.302  3.219   0.781   1.00 9.81  ? 17 DT  B C2    1 
ATOM   335 O O2    . DT  B 1 7  ? -5.066  2.392   1.246   1.00 10.07 ? 17 DT  B O2    1 
ATOM   336 N N3    . DT  B 1 7  ? -3.222  3.694   1.473   1.00 10.07 ? 17 DT  B N3    1 
ATOM   337 C C4    . DT  B 1 7  ? -2.313  4.644   1.053   1.00 9.50  ? 17 DT  B C4    1 
ATOM   338 O O4    . DT  B 1 7  ? -1.368  4.941   1.771   1.00 9.77  ? 17 DT  B O4    1 
ATOM   339 C C5    . DT  B 1 7  ? -2.570  5.205   -0.249  1.00 9.80  ? 17 DT  B C5    1 
ATOM   340 C C7    . DT  B 1 7  ? -1.673  6.281   -0.773  1.00 10.37 ? 17 DT  B C7    1 
ATOM   341 C C6    . DT  B 1 7  ? -3.610  4.738   -0.935  1.00 9.90  ? 17 DT  B C6    1 
ATOM   342 P P     . DC  B 1 8  ? -9.014  3.135   -2.225  1.00 13.66 ? 18 DC  B P     1 
ATOM   343 O OP1   . DC  B 1 8  ? -9.969  2.007   -2.331  1.00 11.09 ? 18 DC  B OP1   1 
ATOM   344 O OP2   . DC  B 1 8  ? -9.474  4.519   -2.499  1.00 11.65 ? 18 DC  B OP2   1 
ATOM   345 O "O5'" . DC  B 1 8  ? -8.376  3.080   -0.766  1.00 12.47 ? 18 DC  B "O5'" 1 
ATOM   346 C "C5'" . DC  B 1 8  ? -8.515  1.916   0.046   1.00 13.89 ? 18 DC  B "C5'" 1 
ATOM   347 C "C4'" . DC  B 1 8  ? -9.106  2.299   1.381   1.00 14.84 ? 18 DC  B "C4'" 1 
ATOM   348 O "O4'" . DC  B 1 8  ? -8.105  3.021   2.138   1.00 14.77 ? 18 DC  B "O4'" 1 
ATOM   349 C "C3'" . DC  B 1 8  ? -10.245 3.290   1.148   1.00 15.17 ? 18 DC  B "C3'" 1 
ATOM   350 O "O3'" . DC  B 1 8  ? -11.261 2.940   2.331   1.00 15.68 ? 18 DC  B "O3'" 1 
ATOM   351 C "C2'" . DC  B 1 8  ? -9.532  4.630   1.175   1.00 15.10 ? 18 DC  B "C2'" 1 
ATOM   352 C "C1'" . DC  B 1 8  ? -8.446  4.397   2.217   1.00 14.70 ? 18 DC  B "C1'" 1 
ATOM   353 N N1    . DC  B 1 8  ? -7.210  5.189   2.044   1.00 13.97 ? 18 DC  B N1    1 
ATOM   354 C C2    . DC  B 1 8  ? -6.289  5.225   3.096   1.00 14.03 ? 18 DC  B C2    1 
ATOM   355 O O2    . DC  B 1 8  ? -6.524  4.562   4.118   1.00 13.79 ? 18 DC  B O2    1 
ATOM   356 N N3    . DC  B 1 8  ? -5.171  5.981   2.976   1.00 13.76 ? 18 DC  B N3    1 
ATOM   357 C C4    . DC  B 1 8  ? -4.955  6.680   1.857   1.00 13.88 ? 18 DC  B C4    1 
ATOM   358 N N4    . DC  B 1 8  ? -3.857  7.435   1.792   1.00 13.12 ? 18 DC  B N4    1 
ATOM   359 C C5    . DC  B 1 8  ? -5.864  6.640   0.757   1.00 13.98 ? 18 DC  B C5    1 
ATOM   360 C C6    . DC  B 1 8  ? -6.967  5.887   0.893   1.00 14.33 ? 18 DC  B C6    1 
ATOM   361 P P     . DG  B 1 9  ? -12.481 3.962   2.595   1.00 15.65 ? 19 DG  B P     1 
ATOM   362 O OP1   . DG  B 1 9  ? -13.630 3.604   1.720   1.00 14.77 ? 19 DG  B OP1   1 
ATOM   363 O OP2   . DG  B 1 9  ? -11.919 5.333   2.533   1.00 15.89 ? 19 DG  B OP2   1 
ATOM   364 O "O5'" . DG  B 1 9  ? -12.895 3.703   4.112   1.00 15.07 ? 19 DG  B "O5'" 1 
ATOM   365 C "C5'" . DG  B 1 9  ? -12.531 2.496   4.783   1.00 14.61 ? 19 DG  B "C5'" 1 
ATOM   366 C "C4'" . DG  B 1 9  ? -11.837 2.798   6.096   1.00 13.96 ? 19 DG  B "C4'" 1 
ATOM   367 O "O4'" . DG  B 1 9  ? -10.587 3.369   5.639   1.00 14.60 ? 19 DG  B "O4'" 1 
ATOM   368 C "C3'" . DG  B 1 9  ? -12.462 3.854   7.015   1.00 13.85 ? 19 DG  B "C3'" 1 
ATOM   369 O "O3'" . DG  B 1 9  ? -12.348 3.284   8.403   1.00 13.25 ? 19 DG  B "O3'" 1 
ATOM   370 C "C2'" . DG  B 1 9  ? -11.770 5.132   6.591   1.00 13.72 ? 19 DG  B "C2'" 1 
ATOM   371 C "C1'" . DG  B 1 9  ? -10.385 4.606   6.309   1.00 14.07 ? 19 DG  B "C1'" 1 
ATOM   372 N N9    . DG  B 1 9  ? -9.544  5.455   5.472   1.00 13.52 ? 19 DG  B N9    1 
ATOM   373 C C8    . DG  B 1 9  ? -9.722  5.770   4.150   1.00 13.59 ? 19 DG  B C8    1 
ATOM   374 N N7    . DG  B 1 9  ? -8.761  6.513   3.669   1.00 13.18 ? 19 DG  B N7    1 
ATOM   375 C C5    . DG  B 1 9  ? -7.903  6.703   4.745   1.00 12.81 ? 19 DG  B C5    1 
ATOM   376 C C6    . DG  B 1 9  ? -6.671  7.405   4.832   1.00 12.97 ? 19 DG  B C6    1 
ATOM   377 O O6    . DG  B 1 9  ? -6.044  7.983   3.933   1.00 12.59 ? 19 DG  B O6    1 
ATOM   378 N N1    . DG  B 1 9  ? -6.157  7.373   6.124   1.00 12.54 ? 19 DG  B N1    1 
ATOM   379 C C2    . DG  B 1 9  ? -6.735  6.726   7.189   1.00 12.36 ? 19 DG  B C2    1 
ATOM   380 N N2    . DG  B 1 9  ? -6.088  6.813   8.359   1.00 12.52 ? 19 DG  B N2    1 
ATOM   381 N N3    . DG  B 1 9  ? -7.863  6.043   7.113   1.00 12.88 ? 19 DG  B N3    1 
ATOM   382 C C4    . DG  B 1 9  ? -8.389  6.077   5.871   1.00 13.00 ? 19 DG  B C4    1 
ATOM   383 P P     . DG  B 1 10 ? -12.885 4.153   9.648   1.00 12.27 ? 20 DG  B P     1 
ATOM   384 O OP1   . DG  B 1 10 ? -13.224 3.183   10.711  1.00 11.89 ? 20 DG  B OP1   1 
ATOM   385 O OP2   . DG  B 1 10 ? -13.918 5.103   9.164   1.00 13.26 ? 20 DG  B OP2   1 
ATOM   386 O "O5'" . DG  B 1 10 ? -11.620 5.019   10.088  1.00 13.04 ? 20 DG  B "O5'" 1 
ATOM   387 C "C5'" . DG  B 1 10 ? -10.516 4.440   10.781  1.00 12.58 ? 20 DG  B "C5'" 1 
ATOM   388 C "C4'" . DG  B 1 10 ? -9.610  5.590   11.351  1.00 12.75 ? 20 DG  B "C4'" 1 
ATOM   389 O "O4'" . DG  B 1 10 ? -8.910  6.534   10.504  1.00 12.30 ? 20 DG  B "O4'" 1 
ATOM   390 C "C3'" . DG  B 1 10 ? -10.512 6.441   12.242  1.00 12.90 ? 20 DG  B "C3'" 1 
ATOM   391 O "O3'" . DG  B 1 10 ? -9.755  6.887   13.365  1.00 13.08 ? 20 DG  B "O3'" 1 
ATOM   392 C "C2'" . DG  B 1 10 ? -10.792 7.652   11.370  1.00 12.84 ? 20 DG  B "C2'" 1 
ATOM   393 C "C1'" . DG  B 1 10 ? -9.467  7.838   10.649  1.00 12.45 ? 20 DG  B "C1'" 1 
ATOM   394 N N9    . DG  B 1 10 ? -9.560  8.440   9.320   1.00 12.02 ? 20 DG  B N9    1 
ATOM   395 C C8    . DG  B 1 10 ? -10.520 8.398   8.335   1.00 12.30 ? 20 DG  B C8    1 
ATOM   396 N N7    . DG  B 1 10 ? -10.199 9.088   7.272   1.00 11.74 ? 20 DG  B N7    1 
ATOM   397 C C5    . DG  B 1 10 ? -8.953  9.623   7.570   1.00 12.03 ? 20 DG  B C5    1 
ATOM   398 C C6    . DG  B 1 10 ? -8.092  10.446  6.792   1.00 12.00 ? 20 DG  B C6    1 
ATOM   399 O O6    . DG  B 1 10 ? -8.258  10.870  5.643   1.00 11.72 ? 20 DG  B O6    1 
ATOM   400 N N1    . DG  B 1 10 ? -6.929  10.765  7.482   1.00 11.90 ? 20 DG  B N1    1 
ATOM   401 C C2    . DG  B 1 10 ? -6.626  10.348  8.753   1.00 11.95 ? 20 DG  B C2    1 
ATOM   402 N N2    . DG  B 1 10 ? -5.459  10.783  9.248   1.00 11.22 ? 20 DG  B N2    1 
ATOM   403 N N3    . DG  B 1 10 ? -7.409  9.568   9.485   1.00 12.47 ? 20 DG  B N3    1 
ATOM   404 C C4    . DG  B 1 10 ? -8.549  9.246   8.836   1.00 12.19 ? 20 DG  B C4    1 
HETATM 405 O O     . HOH C 2 .  ? -9.257  -8.153  -2.960  1.00 1.00  ? 26 HOH A O     1 
HETATM 406 O O     . HOH C 2 .  ? 2.483   10.153  1.192   1.00 5.49  ? 27 HOH A O     1 
HETATM 407 O O     . HOH C 2 .  ? -2.910  7.239   11.490  1.00 28.36 ? 29 HOH A O     1 
HETATM 408 O O     . HOH C 2 .  ? 5.593   -0.783  -16.450 1.00 6.19  ? 30 HOH A O     1 
HETATM 409 O O     . HOH C 2 .  ? -2.786  11.995  0.864   1.00 7.62  ? 33 HOH A O     1 
HETATM 410 O O     . HOH C 2 .  ? -1.052  -0.010  17.114  1.00 9.39  ? 35 HOH A O     1 
HETATM 411 O O     . HOH C 2 .  ? 6.183   10.147  3.704   1.00 1.00  ? 36 HOH A O     1 
HETATM 412 O O     . HOH C 2 .  ? -4.826  2.062   9.016   1.00 1.00  ? 38 HOH A O     1 
HETATM 413 O O     . HOH C 2 .  ? -4.332  -4.561  -12.294 1.00 16.43 ? 43 HOH A O     1 
HETATM 414 O O     . HOH C 2 .  ? 9.698   -7.352  -14.854 1.00 2.02  ? 45 HOH A O     1 
HETATM 415 O O     . HOH C 2 .  ? 4.936   1.854   -18.339 1.00 17.82 ? 49 HOH A O     1 
HETATM 416 O O     . HOH C 2 .  ? -8.079  -6.021  0.155   1.00 5.41  ? 54 HOH A O     1 
HETATM 417 O O     . HOH C 2 .  ? 6.114   0.618   -20.098 1.00 6.94  ? 62 HOH A O     1 
HETATM 418 O O     . HOH C 2 .  ? -8.724  -11.186 -2.328  1.00 5.53  ? 64 HOH A O     1 
HETATM 419 O O     . HOH C 2 .  ? -0.087  -6.663  4.126   1.00 16.25 ? 67 HOH A O     1 
HETATM 420 O O     . HOH C 2 .  ? -2.665  3.167   10.280  1.00 9.48  ? 71 HOH A O     1 
HETATM 421 O O     . HOH C 2 .  ? 1.718   -4.057  10.750  1.00 15.37 ? 73 HOH A O     1 
HETATM 422 O O     . HOH C 2 .  ? -5.822  3.585   6.571   1.00 10.82 ? 76 HOH A O     1 
HETATM 423 O O     . HOH C 2 .  ? 0.925   0.340   16.769  1.00 13.53 ? 79 HOH A O     1 
HETATM 424 O O     . HOH D 2 .  ? 8.203   -3.373  4.856   1.00 13.89 ? 21 HOH B O     1 
HETATM 425 O O     . HOH D 2 .  ? -10.386 11.886  -8.325  1.00 9.78  ? 22 HOH B O     1 
HETATM 426 O O     . HOH D 2 .  ? -16.341 6.849   0.557   1.00 2.53  ? 23 HOH B O     1 
HETATM 427 O O     . HOH D 2 .  ? -12.993 4.405   -1.494  1.00 4.70  ? 24 HOH B O     1 
HETATM 428 O O     . HOH D 2 .  ? -14.391 14.417  -6.553  1.00 1.00  ? 25 HOH B O     1 
HETATM 429 O O     . HOH D 2 .  ? 5.638   -12.460 3.983   1.00 7.78  ? 28 HOH B O     1 
HETATM 430 O O     . HOH D 2 .  ? -15.871 10.188  -10.287 1.00 5.15  ? 31 HOH B O     1 
HETATM 431 O O     . HOH D 2 .  ? -5.564  2.389   -6.613  1.00 26.90 ? 32 HOH B O     1 
HETATM 432 O O     . HOH D 2 .  ? -1.769  10.882  -5.570  1.00 1.69  ? 34 HOH B O     1 
HETATM 433 O O     . HOH D 2 .  ? -7.406  6.885   -10.420 1.00 1.65  ? 37 HOH B O     1 
HETATM 434 O O     . HOH D 2 .  ? 11.612  -3.742  7.682   1.00 1.00  ? 39 HOH B O     1 
HETATM 435 O O     . HOH D 2 .  ? 3.196   0.148   -6.577  1.00 1.80  ? 40 HOH B O     1 
HETATM 436 O O     . HOH D 2 .  ? 4.232   5.567   -10.365 1.00 1.00  ? 41 HOH B O     1 
HETATM 437 O O     . HOH D 2 .  ? -10.951 0.202   2.507   1.00 4.21  ? 42 HOH B O     1 
HETATM 438 O O     . HOH D 2 .  ? -15.498 5.981   -2.478  1.00 5.67  ? 44 HOH B O     1 
HETATM 439 O O     . HOH D 2 .  ? 7.281   -4.274  8.553   1.00 13.84 ? 46 HOH B O     1 
HETATM 440 O O     . HOH D 2 .  ? -7.983  10.220  1.674   1.00 14.15 ? 47 HOH B O     1 
HETATM 441 O O     . HOH D 2 .  ? 2.661   -12.078 -2.569  1.00 1.00  ? 48 HOH B O     1 
HETATM 442 O O     . HOH D 2 .  ? 4.682   5.263   2.684   1.00 4.35  ? 50 HOH B O     1 
HETATM 443 O O     . HOH D 2 .  ? -5.461  -0.206  -6.799  1.00 1.82  ? 51 HOH B O     1 
HETATM 444 O O     . HOH D 2 .  ? -16.902 5.397   4.742   1.00 11.61 ? 52 HOH B O     1 
HETATM 445 O O     . HOH D 2 .  ? 12.006  0.976   6.323   1.00 6.83  ? 53 HOH B O     1 
HETATM 446 O O     . HOH D 2 .  ? -8.413  9.551   -4.227  1.00 14.74 ? 55 HOH B O     1 
HETATM 447 O O     . HOH D 2 .  ? -15.533 3.226   4.030   1.00 4.03  ? 56 HOH B O     1 
HETATM 448 O O     . HOH D 2 .  ? -6.796  10.365  -7.408  1.00 6.50  ? 57 HOH B O     1 
HETATM 449 O O     . HOH D 2 .  ? 11.817  -15.730 4.568   1.00 7.63  ? 58 HOH B O     1 
HETATM 450 O O     . HOH D 2 .  ? -3.092  0.522   -3.257  1.00 8.73  ? 59 HOH B O     1 
HETATM 451 O O     . HOH D 2 .  ? 9.970   3.679   5.922   1.00 8.18  ? 60 HOH B O     1 
HETATM 452 O O     . HOH D 2 .  ? -10.450 4.172   -5.376  1.00 12.99 ? 61 HOH B O     1 
HETATM 453 O O     . HOH D 2 .  ? -8.966  8.150   -1.847  1.00 12.69 ? 63 HOH B O     1 
HETATM 454 O O     . HOH D 2 .  ? -7.339  13.060  -7.552  1.00 14.97 ? 65 HOH B O     1 
HETATM 455 O O     . HOH D 2 .  ? -10.971 8.779   3.205   1.00 8.67  ? 66 HOH B O     1 
HETATM 456 O O     . HOH D 2 .  ? -9.733  14.251  -9.063  1.00 12.92 ? 68 HOH B O     1 
HETATM 457 O O     . HOH D 2 .  ? 3.707   -4.846  5.990   1.00 13.99 ? 69 HOH B O     1 
HETATM 458 O O     . HOH D 2 .  ? -8.751  0.239   4.021   1.00 19.94 ? 70 HOH B O     1 
HETATM 459 O O     . HOH D 2 .  ? -5.268  4.237   -10.128 1.00 6.68  ? 72 HOH B O     1 
HETATM 460 O O     . HOH D 2 .  ? -3.929  8.163   -3.888  1.00 11.97 ? 74 HOH B O     1 
HETATM 461 O O     . HOH D 2 .  ? 0.633   4.606   -12.418 1.00 17.28 ? 75 HOH B O     1 
HETATM 462 O O     . HOH D 2 .  ? -16.665 10.507  -13.490 1.00 11.09 ? 77 HOH B O     1 
HETATM 463 O O     . HOH D 2 .  ? -14.687 6.305   -12.911 1.00 25.59 ? 78 HOH B O     1 
# 
